data_5MDQ
#
_entry.id   5MDQ
#
_cell.length_a   255.730
_cell.length_b   148.639
_cell.length_c   54.364
_cell.angle_alpha   90.00
_cell.angle_beta   94.94
_cell.angle_gamma   90.00
#
_symmetry.space_group_name_H-M   'C 1 2 1'
#
loop_
_entity.id
_entity.type
_entity.pdbx_description
1 polymer Chitoporin
2 non-polymer 'SODIUM ION'
3 water water
#
_entity_poly.entity_id   1
_entity_poly.type   'polypeptide(L)'
_entity_poly.pdbx_seq_one_letter_code
;DGANSDAAKEYLTKDSFSYEVYGIIAMQAAYRDYDSGDAKQDDNLGGMQLNNESRIGFRGKKQFANFEPTFIWQIEGGYV
DPSFGGEGAGLGERDTFVGFESASWGQVRLGRVLTPMYELVDWPASNPGLGDVYDWGGAIGGAKYQDRQSNTIRWDSPMY
ADKFSIDAAVGAGDKAGLGAGDDYWGGIAAHYKLGPLQLDAAYEGNRNIEAEGQTWENNTYLVGVQGWFENGISFFAQYK
YMEADASNGVNEKQDAMSAGLMYTTGDWQYKLGYAANFDLERDGKTLSNTSDDVVSAQIMYFVDPSAVLYARARMNDFNE
GLDGLDDAARWTSGTNGDYNEYSVGVEYYF
;
_entity_poly.pdbx_strand_id   A,B,C
#
loop_
_chem_comp.id
_chem_comp.type
_chem_comp.name
_chem_comp.formula
NA non-polymer 'SODIUM ION' 'Na 1'
#
# COMPACT_ATOMS: atom_id res chain seq x y z
N ASP A 1 -0.94 12.97 15.47
CA ASP A 1 -1.66 12.51 14.29
C ASP A 1 -2.97 11.98 14.81
N GLY A 2 -4.10 12.25 14.18
CA GLY A 2 -5.30 11.46 14.43
C GLY A 2 -6.29 11.90 15.50
N ALA A 3 -7.49 11.34 15.51
CA ALA A 3 -8.49 11.76 16.46
C ALA A 3 -8.11 11.65 17.92
N ASN A 4 -7.34 10.63 18.25
CA ASN A 4 -6.89 10.36 19.62
C ASN A 4 -5.41 9.92 19.74
N SER A 5 -4.56 10.27 18.76
CA SER A 5 -3.17 9.96 18.77
C SER A 5 -2.99 8.43 19.07
N ASP A 6 -1.93 8.06 19.82
CA ASP A 6 -1.72 6.75 20.26
C ASP A 6 -2.25 6.47 21.62
N ALA A 7 -3.31 7.17 22.02
CA ALA A 7 -3.80 7.04 23.35
C ALA A 7 -4.27 5.64 23.68
N ALA A 8 -4.87 4.97 22.69
CA ALA A 8 -5.41 3.58 22.87
C ALA A 8 -4.33 2.61 23.29
N LYS A 9 -3.23 2.60 22.53
CA LYS A 9 -2.04 1.86 22.89
C LYS A 9 -1.59 2.19 24.31
N GLU A 10 -1.48 3.48 24.61
CA GLU A 10 -0.87 3.90 25.87
C GLU A 10 -1.75 3.62 27.06
N TYR A 11 -3.06 3.69 26.95
CA TYR A 11 -3.92 3.62 28.13
C TYR A 11 -4.86 2.43 28.17
N LEU A 12 -5.31 1.88 27.01
CA LEU A 12 -6.23 0.73 27.06
C LEU A 12 -5.57 -0.65 27.26
N THR A 13 -6.29 -1.59 27.87
CA THR A 13 -5.80 -2.95 28.03
C THR A 13 -5.79 -3.61 26.65
N LYS A 14 -4.62 -4.06 26.19
CA LYS A 14 -4.47 -4.73 24.88
C LYS A 14 -5.25 -6.02 24.92
N ASP A 15 -6.26 -6.15 24.06
CA ASP A 15 -7.11 -7.39 24.01
C ASP A 15 -6.42 -8.46 23.13
N SER A 16 -5.39 -9.05 23.69
CA SER A 16 -4.45 -9.85 22.93
C SER A 16 -5.07 -11.15 22.42
N PHE A 17 -4.45 -11.64 21.36
CA PHE A 17 -4.98 -12.77 20.60
C PHE A 17 -6.49 -12.71 20.20
N SER A 18 -6.99 -11.52 19.97
CA SER A 18 -8.40 -11.32 19.63
C SER A 18 -8.47 -10.77 18.22
N TYR A 19 -8.03 -11.62 17.30
CA TYR A 19 -8.06 -11.36 15.86
C TYR A 19 -7.95 -12.64 15.03
N GLU A 20 -8.22 -12.54 13.75
CA GLU A 20 -8.06 -13.62 12.82
C GLU A 20 -7.45 -13.04 11.55
N VAL A 21 -6.47 -13.76 11.00
CA VAL A 21 -5.89 -13.46 9.70
C VAL A 21 -6.53 -14.42 8.76
N TYR A 22 -6.95 -13.95 7.62
CA TYR A 22 -7.62 -14.80 6.66
C TYR A 22 -7.10 -14.39 5.29
N GLY A 23 -7.28 -15.29 4.30
CA GLY A 23 -7.13 -14.86 2.91
C GLY A 23 -7.89 -15.64 1.87
N ILE A 24 -8.09 -14.98 0.73
CA ILE A 24 -8.48 -15.67 -0.45
C ILE A 24 -7.31 -15.60 -1.40
N ILE A 25 -6.81 -16.78 -1.78
CA ILE A 25 -5.79 -16.91 -2.80
C ILE A 25 -6.47 -17.24 -4.12
N ALA A 26 -6.29 -16.36 -5.12
CA ALA A 26 -7.01 -16.39 -6.33
C ALA A 26 -6.15 -15.94 -7.46
N MET A 27 -6.05 -16.79 -8.49
CA MET A 27 -5.16 -16.60 -9.66
C MET A 27 -5.91 -17.10 -10.91
N GLN A 28 -5.98 -16.24 -11.90
CA GLN A 28 -6.60 -16.52 -13.10
C GLN A 28 -5.54 -16.23 -14.18
N ALA A 29 -5.20 -17.23 -15.00
CA ALA A 29 -4.39 -17.05 -16.20
C ALA A 29 -5.39 -16.76 -17.33
N ALA A 30 -5.39 -15.56 -17.92
CA ALA A 30 -6.44 -15.18 -18.88
C ALA A 30 -5.86 -14.69 -20.18
N TYR A 31 -6.26 -15.22 -21.33
CA TYR A 31 -5.78 -14.74 -22.63
C TYR A 31 -6.90 -14.00 -23.32
N ARG A 32 -6.67 -12.79 -23.80
CA ARG A 32 -7.67 -12.07 -24.49
C ARG A 32 -7.35 -11.78 -25.90
N ASP A 33 -8.39 -11.78 -26.73
CA ASP A 33 -8.27 -11.47 -28.15
C ASP A 33 -9.24 -10.35 -28.46
N TYR A 34 -8.69 -9.17 -28.74
CA TYR A 34 -9.45 -7.92 -29.00
C TYR A 34 -9.67 -7.72 -30.47
N ASP A 35 -10.75 -7.05 -30.80
CA ASP A 35 -11.12 -6.76 -32.17
C ASP A 35 -11.72 -5.38 -32.10
N SER A 36 -10.84 -4.42 -31.89
CA SER A 36 -11.20 -3.03 -31.66
C SER A 36 -11.36 -2.25 -32.96
N GLY A 37 -10.89 -2.80 -34.07
CA GLY A 37 -10.80 -2.05 -35.33
C GLY A 37 -9.49 -1.38 -35.57
N ASP A 38 -8.58 -1.42 -34.58
CA ASP A 38 -7.16 -0.97 -34.72
C ASP A 38 -6.23 -2.13 -34.29
N ALA A 39 -5.41 -2.64 -35.20
CA ALA A 39 -4.57 -3.84 -34.90
C ALA A 39 -3.53 -3.60 -33.80
N LYS A 40 -3.02 -2.38 -33.75
CA LYS A 40 -2.08 -1.98 -32.72
C LYS A 40 -2.73 -2.01 -31.32
N GLN A 41 -3.88 -1.35 -31.20
CA GLN A 41 -4.62 -1.39 -29.96
C GLN A 41 -4.96 -2.84 -29.53
N ASP A 42 -5.21 -3.71 -30.50
CA ASP A 42 -5.52 -5.11 -30.23
C ASP A 42 -4.39 -5.89 -29.64
N ASP A 43 -3.18 -5.68 -30.16
CA ASP A 43 -1.93 -6.25 -29.57
C ASP A 43 -1.62 -5.73 -28.17
N ASN A 44 -1.82 -4.44 -27.97
CA ASN A 44 -1.51 -3.89 -26.66
C ASN A 44 -2.37 -4.57 -25.63
N LEU A 45 -3.72 -4.42 -25.82
CA LEU A 45 -4.68 -4.86 -24.81
C LEU A 45 -4.80 -6.37 -24.69
N GLY A 46 -4.65 -7.04 -25.83
CA GLY A 46 -4.75 -8.46 -25.83
C GLY A 46 -3.44 -9.08 -25.47
N GLY A 47 -3.49 -10.39 -25.31
CA GLY A 47 -2.41 -11.23 -24.98
C GLY A 47 -2.73 -11.91 -23.67
N MET A 48 -1.77 -12.60 -23.12
CA MET A 48 -1.92 -13.38 -21.93
C MET A 48 -1.41 -12.55 -20.74
N GLN A 49 -2.18 -12.58 -19.66
CA GLN A 49 -1.81 -12.02 -18.40
C GLN A 49 -2.25 -12.90 -17.28
N LEU A 50 -1.63 -12.67 -16.13
CA LEU A 50 -2.02 -13.34 -14.91
C LEU A 50 -2.72 -12.39 -14.01
N ASN A 51 -3.93 -12.71 -13.64
CA ASN A 51 -4.77 -11.84 -12.90
C ASN A 51 -4.80 -12.44 -11.50
N ASN A 52 -3.93 -11.87 -10.66
CA ASN A 52 -3.79 -12.28 -9.25
C ASN A 52 -4.71 -11.41 -8.42
N GLU A 53 -5.80 -12.07 -7.97
CA GLU A 53 -6.76 -11.44 -7.06
C GLU A 53 -6.61 -11.95 -5.65
N SER A 54 -5.44 -12.48 -5.31
CA SER A 54 -5.23 -12.89 -3.94
C SER A 54 -5.30 -11.63 -3.01
N ARG A 55 -5.84 -11.86 -1.81
CA ARG A 55 -5.86 -10.85 -0.76
C ARG A 55 -5.81 -11.43 0.65
N ILE A 56 -5.24 -10.61 1.53
CA ILE A 56 -5.17 -10.88 2.96
C ILE A 56 -6.10 -9.92 3.70
N GLY A 57 -6.67 -10.40 4.79
CA GLY A 57 -7.48 -9.59 5.63
C GLY A 57 -7.39 -9.96 7.10
N PHE A 58 -8.01 -9.08 7.88
CA PHE A 58 -8.04 -9.19 9.31
C PHE A 58 -9.44 -8.90 9.83
N ARG A 59 -9.89 -9.67 10.84
CA ARG A 59 -11.20 -9.43 11.45
C ARG A 59 -11.35 -9.95 12.86
N GLY A 60 -12.37 -9.42 13.55
CA GLY A 60 -12.68 -9.92 14.88
C GLY A 60 -13.92 -9.35 15.48
N LYS A 61 -14.22 -9.84 16.67
CA LYS A 61 -15.43 -9.53 17.39
C LYS A 61 -15.10 -9.35 18.80
N LYS A 62 -15.77 -8.44 19.47
CA LYS A 62 -15.51 -8.24 20.93
C LYS A 62 -16.77 -7.91 21.65
N GLN A 63 -17.03 -8.67 22.72
CA GLN A 63 -18.13 -8.40 23.62
C GLN A 63 -17.59 -7.45 24.67
N PHE A 64 -17.95 -6.18 24.51
CA PHE A 64 -17.60 -5.14 25.48
C PHE A 64 -18.35 -5.30 26.81
N ALA A 65 -17.66 -5.07 27.91
CA ALA A 65 -18.26 -5.34 29.16
C ALA A 65 -19.53 -4.53 29.44
N ASN A 66 -19.62 -3.31 28.89
CA ASN A 66 -20.66 -2.33 29.25
C ASN A 66 -21.49 -1.94 28.03
N PHE A 67 -21.67 -2.86 27.08
CA PHE A 67 -22.50 -2.60 25.92
C PHE A 67 -22.92 -3.93 25.33
N GLU A 68 -24.24 -4.16 25.20
CA GLU A 68 -24.75 -5.50 24.85
C GLU A 68 -24.44 -5.90 23.40
N PRO A 69 -24.70 -5.02 22.43
CA PRO A 69 -24.36 -5.37 21.04
C PRO A 69 -22.87 -5.58 20.79
N THR A 70 -22.55 -6.80 20.39
CA THR A 70 -21.18 -7.24 20.07
C THR A 70 -20.56 -6.36 19.04
N PHE A 71 -19.32 -5.91 19.31
CA PHE A 71 -18.50 -5.10 18.40
C PHE A 71 -17.89 -6.04 17.35
N ILE A 72 -17.87 -5.59 16.09
CA ILE A 72 -17.26 -6.33 15.01
C ILE A 72 -16.42 -5.38 14.19
N TRP A 73 -15.37 -5.90 13.57
CA TRP A 73 -14.45 -5.09 12.71
C TRP A 73 -13.82 -6.01 11.64
N GLN A 74 -13.43 -5.38 10.55
CA GLN A 74 -12.66 -6.08 9.57
C GLN A 74 -11.83 -5.07 8.79
N ILE A 75 -10.68 -5.55 8.33
CA ILE A 75 -9.79 -4.82 7.44
C ILE A 75 -9.25 -5.77 6.37
N GLU A 76 -9.58 -5.48 5.11
CA GLU A 76 -9.32 -6.43 4.01
C GLU A 76 -8.50 -5.72 2.96
N GLY A 77 -7.41 -6.39 2.63
CA GLY A 77 -6.53 -5.87 1.60
C GLY A 77 -7.09 -5.95 0.21
N GLY A 78 -6.57 -5.12 -0.66
CA GLY A 78 -6.87 -5.20 -2.05
C GLY A 78 -6.20 -6.38 -2.77
N TYR A 79 -6.52 -6.51 -4.03
CA TYR A 79 -5.92 -7.52 -4.92
C TYR A 79 -4.46 -7.17 -5.14
N VAL A 80 -3.62 -8.19 -4.95
CA VAL A 80 -2.19 -7.99 -4.98
C VAL A 80 -1.48 -7.82 -6.32
N ASP A 81 -1.96 -8.43 -7.40
CA ASP A 81 -1.40 -8.16 -8.77
C ASP A 81 -2.42 -8.55 -9.85
N PRO A 82 -3.48 -7.79 -9.94
CA PRO A 82 -4.46 -8.05 -10.97
C PRO A 82 -3.89 -7.72 -12.32
N SER A 83 -4.50 -8.28 -13.34
CA SER A 83 -4.15 -7.94 -14.70
C SER A 83 -4.48 -6.49 -14.97
N PHE A 84 -3.79 -5.90 -15.92
CA PHE A 84 -3.96 -4.51 -16.33
C PHE A 84 -3.49 -3.54 -15.25
N GLY A 85 -2.89 -4.05 -14.20
CA GLY A 85 -2.52 -3.18 -13.07
C GLY A 85 -1.20 -3.54 -12.45
N GLY A 86 -0.59 -2.55 -11.86
CA GLY A 86 0.68 -2.73 -11.19
C GLY A 86 0.57 -3.66 -10.00
N GLU A 87 1.72 -4.08 -9.50
CA GLU A 87 1.80 -4.93 -8.33
C GLU A 87 1.57 -4.10 -7.05
N GLY A 88 1.06 -4.79 -6.05
CA GLY A 88 0.88 -4.21 -4.75
C GLY A 88 -0.53 -3.67 -4.41
N ALA A 89 -0.94 -3.97 -3.17
CA ALA A 89 -2.16 -3.48 -2.62
C ALA A 89 -2.07 -3.17 -1.15
N GLY A 90 -2.73 -2.11 -0.75
CA GLY A 90 -2.79 -1.74 0.67
C GLY A 90 -3.89 -2.45 1.45
N LEU A 91 -3.80 -2.38 2.77
CA LEU A 91 -4.83 -2.80 3.66
C LEU A 91 -5.92 -1.78 3.67
N GLY A 92 -7.17 -2.27 3.64
CA GLY A 92 -8.34 -1.41 3.59
C GLY A 92 -8.83 -1.09 2.20
N GLU A 93 -8.31 -1.75 1.17
CA GLU A 93 -8.78 -1.45 -0.19
C GLU A 93 -10.13 -2.14 -0.46
N ARG A 94 -10.41 -3.25 0.24
CA ARG A 94 -11.65 -3.94 0.17
C ARG A 94 -12.48 -3.75 1.48
N ASP A 95 -13.48 -4.63 1.74
CA ASP A 95 -14.47 -4.39 2.72
C ASP A 95 -13.76 -4.23 4.04
N THR A 96 -13.94 -3.02 4.61
CA THR A 96 -13.17 -2.59 5.72
C THR A 96 -14.06 -1.73 6.55
N PHE A 97 -14.35 -2.16 7.77
CA PHE A 97 -15.37 -1.49 8.60
C PHE A 97 -15.25 -1.80 10.10
N VAL A 98 -16.02 -1.07 10.88
CA VAL A 98 -16.41 -1.50 12.23
C VAL A 98 -17.94 -1.63 12.27
N GLY A 99 -18.45 -2.29 13.29
CA GLY A 99 -19.87 -2.34 13.48
C GLY A 99 -20.33 -3.03 14.74
N PHE A 100 -21.61 -3.36 14.77
CA PHE A 100 -22.24 -3.91 15.98
C PHE A 100 -23.30 -4.89 15.60
N GLU A 101 -23.60 -5.81 16.50
CA GLU A 101 -24.61 -6.80 16.17
C GLU A 101 -25.37 -7.41 17.35
N SER A 102 -26.64 -7.73 17.10
CA SER A 102 -27.60 -8.26 18.07
C SER A 102 -28.58 -9.12 17.29
N ALA A 103 -28.93 -10.28 17.87
CA ALA A 103 -29.79 -11.27 17.19
C ALA A 103 -31.16 -10.67 16.83
N SER A 104 -31.77 -9.92 17.75
CA SER A 104 -33.04 -9.29 17.45
C SER A 104 -33.04 -8.25 16.29
N TRP A 105 -31.99 -7.47 16.06
CA TRP A 105 -32.00 -6.49 14.94
C TRP A 105 -30.95 -6.61 13.87
N GLY A 106 -30.17 -7.68 13.90
CA GLY A 106 -29.19 -7.93 12.84
C GLY A 106 -27.80 -7.30 13.11
N GLN A 107 -27.32 -6.51 12.15
CA GLN A 107 -26.03 -5.93 12.21
C GLN A 107 -25.96 -4.59 11.44
N VAL A 108 -25.20 -3.65 11.98
CA VAL A 108 -24.86 -2.36 11.36
C VAL A 108 -23.33 -2.27 11.26
N ARG A 109 -22.88 -1.83 10.10
CA ARG A 109 -21.50 -1.66 9.75
C ARG A 109 -21.33 -0.26 9.23
N LEU A 110 -20.22 0.35 9.65
CA LEU A 110 -19.81 1.66 9.21
C LEU A 110 -18.45 1.55 8.60
N GLY A 111 -18.31 2.11 7.41
CA GLY A 111 -17.10 2.08 6.67
C GLY A 111 -17.21 1.89 5.15
N ARG A 112 -16.53 0.83 4.67
CA ARG A 112 -16.40 0.58 3.26
C ARG A 112 -16.97 -0.80 3.06
N VAL A 113 -18.03 -0.86 2.32
CA VAL A 113 -18.78 -2.10 2.13
C VAL A 113 -19.50 -2.02 0.78
N LEU A 114 -20.12 -3.11 0.43
CA LEU A 114 -20.94 -3.13 -0.82
C LEU A 114 -22.29 -2.48 -0.58
N THR A 115 -22.72 -1.69 -1.56
CA THR A 115 -24.16 -1.22 -1.54
C THR A 115 -25.07 -2.40 -1.76
N PRO A 116 -26.27 -2.35 -1.19
CA PRO A 116 -27.23 -3.49 -1.39
C PRO A 116 -27.55 -3.89 -2.83
N MET A 117 -27.70 -2.93 -3.69
CA MET A 117 -27.87 -3.15 -5.09
C MET A 117 -26.64 -3.86 -5.64
N TYR A 118 -25.49 -3.25 -5.47
CA TYR A 118 -24.25 -3.83 -6.06
C TYR A 118 -24.05 -5.28 -5.58
N GLU A 119 -24.35 -5.62 -4.34
CA GLU A 119 -24.10 -6.94 -3.93
C GLU A 119 -24.85 -7.91 -4.86
N LEU A 120 -26.10 -7.60 -5.23
CA LEU A 120 -26.91 -8.50 -6.10
C LEU A 120 -26.48 -8.46 -7.54
N VAL A 121 -26.10 -7.26 -8.02
CA VAL A 121 -25.50 -7.14 -9.33
C VAL A 121 -24.22 -8.03 -9.48
N ASP A 122 -23.32 -7.97 -8.46
CA ASP A 122 -22.08 -8.65 -8.48
C ASP A 122 -22.29 -10.14 -8.40
N TRP A 123 -23.03 -10.60 -7.37
CA TRP A 123 -23.33 -11.98 -7.17
C TRP A 123 -24.81 -12.20 -6.88
N PRO A 124 -25.52 -13.08 -7.61
CA PRO A 124 -24.99 -14.00 -8.64
C PRO A 124 -24.69 -13.50 -10.05
N ALA A 125 -25.06 -12.26 -10.35
CA ALA A 125 -25.39 -11.91 -11.71
C ALA A 125 -24.22 -11.49 -12.58
N SER A 126 -23.00 -11.42 -12.03
CA SER A 126 -21.80 -11.05 -12.82
C SER A 126 -20.91 -12.27 -13.10
N ASN A 127 -21.25 -13.40 -12.54
CA ASN A 127 -20.49 -14.63 -12.72
C ASN A 127 -21.15 -15.59 -13.79
N PRO A 128 -20.37 -16.04 -14.80
CA PRO A 128 -18.89 -15.87 -14.90
C PRO A 128 -18.47 -15.00 -16.08
N GLY A 129 -17.78 -13.88 -15.86
CA GLY A 129 -17.29 -13.05 -16.99
C GLY A 129 -18.32 -12.07 -17.49
N LEU A 130 -19.38 -11.91 -16.72
CA LEU A 130 -20.52 -11.09 -17.20
C LEU A 130 -20.37 -9.67 -16.80
N GLY A 131 -19.39 -9.43 -15.92
CA GLY A 131 -19.19 -8.12 -15.31
C GLY A 131 -18.95 -6.98 -16.24
N ASP A 132 -18.20 -7.18 -17.29
CA ASP A 132 -17.94 -6.03 -18.23
C ASP A 132 -19.22 -5.44 -18.79
N VAL A 133 -20.20 -6.30 -19.00
CA VAL A 133 -21.54 -5.89 -19.45
C VAL A 133 -22.41 -5.50 -18.28
N TYR A 134 -22.57 -6.39 -17.32
CA TYR A 134 -23.59 -6.19 -16.31
C TYR A 134 -23.14 -5.51 -14.96
N ASP A 135 -21.86 -5.49 -14.66
CA ASP A 135 -21.36 -4.87 -13.43
C ASP A 135 -21.11 -3.38 -13.68
N TRP A 136 -20.02 -3.03 -14.35
CA TRP A 136 -19.68 -1.66 -14.64
C TRP A 136 -20.01 -1.28 -16.10
N GLY A 137 -20.56 -2.23 -16.90
CA GLY A 137 -20.96 -1.94 -18.28
C GLY A 137 -22.23 -1.14 -18.27
N GLY A 138 -22.53 -0.48 -19.38
CA GLY A 138 -23.69 0.40 -19.47
C GLY A 138 -23.35 1.67 -20.17
N ALA A 139 -24.34 2.43 -20.61
CA ALA A 139 -24.12 3.70 -21.30
C ALA A 139 -24.79 4.92 -20.62
N ILE A 140 -25.47 4.73 -19.49
CA ILE A 140 -26.17 5.83 -18.83
C ILE A 140 -25.20 6.89 -18.19
N GLY A 141 -25.60 8.15 -18.28
CA GLY A 141 -24.92 9.22 -17.61
C GLY A 141 -25.08 9.09 -16.09
N GLY A 142 -24.31 9.87 -15.37
CA GLY A 142 -24.45 9.97 -13.92
C GLY A 142 -23.77 8.79 -13.31
N ALA A 143 -24.30 8.26 -12.23
CA ALA A 143 -23.79 7.05 -11.62
C ALA A 143 -24.93 6.09 -11.39
N LYS A 144 -24.96 4.98 -12.12
CA LYS A 144 -26.03 4.03 -12.02
C LYS A 144 -26.12 3.43 -10.64
N TYR A 145 -24.98 3.13 -10.04
CA TYR A 145 -24.89 2.74 -8.64
C TYR A 145 -23.42 2.79 -8.16
N GLN A 146 -23.18 2.90 -6.86
CA GLN A 146 -21.77 2.76 -6.36
C GLN A 146 -21.56 1.22 -6.28
N ASP A 147 -20.34 0.77 -6.01
CA ASP A 147 -20.11 -0.69 -5.90
C ASP A 147 -19.63 -0.99 -4.48
N ARG A 148 -18.31 -0.98 -4.27
CA ARG A 148 -17.73 -1.05 -2.93
C ARG A 148 -17.53 0.45 -2.65
N GLN A 149 -18.06 0.94 -1.54
CA GLN A 149 -18.01 2.37 -1.29
C GLN A 149 -17.61 2.70 0.16
N SER A 150 -16.68 3.61 0.33
CA SER A 150 -16.38 4.10 1.66
C SER A 150 -17.46 5.08 2.14
N ASN A 151 -17.45 5.41 3.41
CA ASN A 151 -18.32 6.48 3.97
C ASN A 151 -19.76 6.07 3.94
N THR A 152 -19.98 4.85 4.38
CA THR A 152 -21.22 4.15 4.23
C THR A 152 -21.63 3.65 5.57
N ILE A 153 -22.91 3.81 5.89
CA ILE A 153 -23.53 3.06 6.96
C ILE A 153 -24.56 2.09 6.35
N ARG A 154 -24.56 0.85 6.85
CA ARG A 154 -25.33 -0.20 6.26
C ARG A 154 -25.82 -1.14 7.30
N TRP A 155 -27.11 -1.45 7.18
CA TRP A 155 -27.81 -2.28 8.15
C TRP A 155 -28.14 -3.56 7.39
N ASP A 156 -27.86 -4.70 8.01
CA ASP A 156 -28.27 -5.99 7.47
C ASP A 156 -29.27 -6.58 8.47
N SER A 157 -30.56 -6.69 8.09
CA SER A 157 -31.57 -7.23 9.00
C SER A 157 -31.27 -8.67 9.24
N PRO A 158 -31.84 -9.22 10.29
CA PRO A 158 -31.86 -10.68 10.34
C PRO A 158 -32.78 -11.34 9.29
N MET A 159 -32.84 -12.66 9.35
CA MET A 159 -33.74 -13.47 8.52
C MET A 159 -35.08 -13.63 9.22
N TYR A 160 -36.05 -12.79 8.92
CA TYR A 160 -37.30 -12.81 9.65
C TYR A 160 -38.13 -14.04 9.23
N ALA A 161 -38.69 -14.74 10.21
CA ALA A 161 -39.35 -16.02 10.04
C ALA A 161 -38.64 -16.93 9.04
N ASP A 162 -37.32 -17.01 9.12
CA ASP A 162 -36.50 -17.88 8.23
C ASP A 162 -36.61 -17.62 6.72
N LYS A 163 -37.24 -16.50 6.32
CA LYS A 163 -37.65 -16.27 4.93
C LYS A 163 -37.22 -14.93 4.38
N PHE A 164 -37.39 -13.88 5.17
CA PHE A 164 -37.31 -12.50 4.72
C PHE A 164 -36.19 -11.66 5.41
N SER A 165 -35.46 -10.91 4.60
CA SER A 165 -34.40 -10.07 5.05
C SER A 165 -34.21 -8.88 4.15
N ILE A 166 -33.65 -7.83 4.76
CA ILE A 166 -33.46 -6.52 4.19
C ILE A 166 -32.00 -6.05 4.38
N ASP A 167 -31.48 -5.36 3.38
CA ASP A 167 -30.20 -4.76 3.41
C ASP A 167 -30.46 -3.31 3.09
N ALA A 168 -29.96 -2.38 3.89
CA ALA A 168 -30.21 -0.96 3.64
C ALA A 168 -29.01 -0.09 4.02
N ALA A 169 -28.76 0.97 3.24
CA ALA A 169 -27.57 1.72 3.42
C ALA A 169 -27.73 3.08 2.81
N VAL A 170 -26.91 4.02 3.37
CA VAL A 170 -26.69 5.39 2.84
C VAL A 170 -25.18 5.74 3.01
N GLY A 171 -24.72 6.64 2.16
CA GLY A 171 -23.34 7.10 2.30
C GLY A 171 -22.94 8.23 1.41
N ALA A 172 -21.68 8.65 1.57
CA ALA A 172 -21.19 9.77 0.82
C ALA A 172 -20.77 9.30 -0.54
N GLY A 173 -20.70 10.19 -1.49
CA GLY A 173 -20.19 9.87 -2.79
C GLY A 173 -18.68 10.00 -3.00
N ASP A 174 -18.25 9.72 -4.24
CA ASP A 174 -16.89 9.53 -4.58
C ASP A 174 -16.18 10.87 -4.37
N LYS A 175 -16.80 11.96 -4.77
CA LYS A 175 -16.22 13.29 -4.54
C LYS A 175 -16.25 13.79 -3.10
N ALA A 176 -17.42 13.58 -2.44
CA ALA A 176 -17.68 13.96 -1.06
C ALA A 176 -16.58 13.36 -0.17
N GLY A 177 -16.24 12.10 -0.42
CA GLY A 177 -15.23 11.37 0.37
C GLY A 177 -13.81 11.96 0.41
N LEU A 178 -13.53 12.90 -0.50
CA LEU A 178 -12.37 13.77 -0.61
C LEU A 178 -12.63 15.25 -0.39
N GLY A 179 -13.80 15.65 0.13
CA GLY A 179 -14.07 17.06 0.37
C GLY A 179 -14.18 17.89 -0.88
N ALA A 180 -14.49 17.22 -1.98
CA ALA A 180 -14.56 17.83 -3.26
C ALA A 180 -15.98 17.89 -3.90
N GLY A 181 -17.03 17.48 -3.17
CA GLY A 181 -18.40 17.55 -3.64
C GLY A 181 -19.39 17.14 -2.56
N ASP A 182 -20.69 17.21 -2.90
CA ASP A 182 -21.81 16.88 -1.97
C ASP A 182 -22.68 15.74 -2.50
N ASP A 183 -22.03 14.84 -3.27
CA ASP A 183 -22.70 13.64 -3.78
C ASP A 183 -23.01 12.67 -2.62
N TYR A 184 -24.13 11.97 -2.75
CA TYR A 184 -24.52 10.96 -1.79
C TYR A 184 -25.47 10.00 -2.48
N TRP A 185 -25.80 8.94 -1.76
CA TRP A 185 -26.65 7.93 -2.25
C TRP A 185 -27.31 7.21 -1.11
N GLY A 186 -28.39 6.50 -1.45
CA GLY A 186 -29.01 5.55 -0.53
C GLY A 186 -29.57 4.42 -1.35
N GLY A 187 -29.75 3.29 -0.70
CA GLY A 187 -30.31 2.12 -1.36
C GLY A 187 -30.67 0.95 -0.42
N ILE A 188 -31.42 0.01 -0.98
CA ILE A 188 -32.05 -1.02 -0.21
C ILE A 188 -32.32 -2.26 -1.08
N ALA A 189 -32.34 -3.41 -0.44
CA ALA A 189 -32.57 -4.63 -1.11
C ALA A 189 -33.32 -5.56 -0.17
N ALA A 190 -34.07 -6.50 -0.74
CA ALA A 190 -34.86 -7.43 0.01
C ALA A 190 -34.80 -8.78 -0.66
N HIS A 191 -35.02 -9.81 0.13
CA HIS A 191 -34.85 -11.20 -0.28
C HIS A 191 -35.92 -12.03 0.35
N TYR A 192 -36.59 -12.85 -0.43
CA TYR A 192 -37.65 -13.65 0.09
C TYR A 192 -37.37 -15.12 -0.34
N LYS A 193 -37.20 -15.99 0.65
CA LYS A 193 -36.89 -17.40 0.46
C LYS A 193 -38.19 -18.08 0.36
N LEU A 194 -38.26 -19.12 -0.46
CA LEU A 194 -39.56 -19.61 -0.90
C LEU A 194 -39.32 -20.99 -1.53
N GLY A 195 -39.53 -22.05 -0.74
CA GLY A 195 -39.12 -23.39 -1.11
C GLY A 195 -37.69 -23.37 -1.63
N PRO A 196 -37.48 -23.77 -2.89
CA PRO A 196 -36.16 -23.73 -3.53
C PRO A 196 -35.75 -22.43 -4.20
N LEU A 197 -36.49 -21.36 -4.01
CA LEU A 197 -36.18 -20.15 -4.74
C LEU A 197 -35.93 -19.09 -3.77
N GLN A 198 -35.28 -18.07 -4.26
CA GLN A 198 -35.24 -16.83 -3.55
C GLN A 198 -35.57 -15.71 -4.55
N LEU A 199 -36.37 -14.75 -4.09
CA LEU A 199 -36.68 -13.54 -4.85
C LEU A 199 -35.88 -12.38 -4.30
N ASP A 200 -35.30 -11.63 -5.21
CA ASP A 200 -34.58 -10.43 -4.88
C ASP A 200 -35.23 -9.21 -5.55
N ALA A 201 -35.24 -8.10 -4.81
CA ALA A 201 -35.46 -6.78 -5.32
C ALA A 201 -34.43 -5.81 -4.73
N ALA A 202 -34.09 -4.78 -5.50
CA ALA A 202 -33.27 -3.72 -5.00
C ALA A 202 -33.41 -2.43 -5.72
N TYR A 203 -33.01 -1.37 -5.00
CA TYR A 203 -33.06 0.03 -5.43
C TYR A 203 -31.76 0.76 -5.04
N GLU A 204 -31.31 1.70 -5.87
CA GLU A 204 -30.33 2.67 -5.45
C GLU A 204 -30.61 4.02 -6.07
N GLY A 205 -30.51 5.06 -5.23
CA GLY A 205 -30.59 6.46 -5.66
C GLY A 205 -29.29 7.21 -5.32
N ASN A 206 -28.79 7.90 -6.34
CA ASN A 206 -27.57 8.65 -6.28
C ASN A 206 -27.98 10.09 -6.62
N ARG A 207 -27.45 11.03 -5.81
CA ARG A 207 -27.81 12.45 -5.87
C ARG A 207 -26.51 13.24 -5.90
N ASN A 208 -26.59 14.38 -6.58
CA ASN A 208 -25.53 15.38 -6.79
C ASN A 208 -24.30 14.87 -7.45
N ILE A 209 -24.47 13.99 -8.42
CA ILE A 209 -23.36 13.44 -9.16
C ILE A 209 -23.03 14.45 -10.21
N GLU A 210 -21.78 14.88 -10.25
CA GLU A 210 -21.30 15.80 -11.25
C GLU A 210 -20.56 15.04 -12.34
N ALA A 211 -20.86 15.37 -13.60
CA ALA A 211 -20.27 14.73 -14.77
C ALA A 211 -20.80 15.42 -15.98
N GLU A 212 -19.97 15.55 -17.00
CA GLU A 212 -20.37 16.12 -18.29
C GLU A 212 -20.96 17.53 -18.23
N GLY A 213 -20.58 18.31 -17.22
CA GLY A 213 -21.01 19.70 -17.13
C GLY A 213 -22.34 19.88 -16.47
N GLN A 214 -22.77 18.89 -15.70
CA GLN A 214 -24.15 18.82 -15.22
C GLN A 214 -24.16 18.05 -13.93
N THR A 215 -25.22 18.27 -13.15
CA THR A 215 -25.50 17.52 -11.94
C THR A 215 -26.57 16.50 -12.26
N TRP A 216 -26.41 15.27 -11.77
CA TRP A 216 -27.31 14.19 -12.11
C TRP A 216 -27.96 13.60 -10.90
N GLU A 217 -29.20 13.12 -11.11
CA GLU A 217 -29.79 12.17 -10.24
C GLU A 217 -30.01 10.85 -10.96
N ASN A 218 -29.71 9.74 -10.28
CA ASN A 218 -29.88 8.39 -10.82
C ASN A 218 -30.79 7.59 -9.92
N ASN A 219 -31.58 6.72 -10.53
CA ASN A 219 -32.33 5.79 -9.79
C ASN A 219 -32.22 4.48 -10.55
N THR A 220 -31.97 3.41 -9.83
CA THR A 220 -31.78 2.09 -10.43
C THR A 220 -32.53 1.07 -9.64
N TYR A 221 -33.22 0.19 -10.38
CA TYR A 221 -34.18 -0.81 -9.84
C TYR A 221 -33.82 -2.16 -10.40
N LEU A 222 -33.99 -3.17 -9.56
CA LEU A 222 -33.67 -4.49 -9.99
C LEU A 222 -34.57 -5.54 -9.36
N VAL A 223 -34.90 -6.56 -10.16
CA VAL A 223 -35.66 -7.73 -9.68
C VAL A 223 -34.95 -8.97 -10.18
N GLY A 224 -34.96 -10.00 -9.37
CA GLY A 224 -34.47 -11.27 -9.86
C GLY A 224 -34.86 -12.47 -9.07
N VAL A 225 -34.34 -13.60 -9.49
CA VAL A 225 -34.73 -14.81 -8.88
C VAL A 225 -33.54 -15.72 -8.87
N GLN A 226 -33.58 -16.71 -8.00
CA GLN A 226 -32.52 -17.71 -7.93
C GLN A 226 -33.09 -19.02 -7.46
N GLY A 227 -32.58 -20.11 -7.97
CA GLY A 227 -33.11 -21.36 -7.50
C GLY A 227 -32.05 -22.39 -7.49
N TRP A 228 -32.23 -23.38 -6.59
CA TRP A 228 -31.35 -24.53 -6.39
C TRP A 228 -32.28 -25.67 -6.20
N PHE A 229 -32.07 -26.72 -6.96
CA PHE A 229 -32.86 -27.92 -6.83
C PHE A 229 -31.99 -29.10 -6.47
N GLU A 230 -32.61 -30.04 -5.78
CA GLU A 230 -31.94 -31.29 -5.37
C GLU A 230 -31.32 -32.12 -6.49
N ASN A 231 -31.87 -32.04 -7.72
CA ASN A 231 -31.33 -32.75 -8.87
C ASN A 231 -29.98 -32.19 -9.37
N GLY A 232 -29.52 -31.07 -8.80
CA GLY A 232 -28.23 -30.51 -9.18
C GLY A 232 -28.28 -29.32 -10.12
N ILE A 233 -29.45 -28.98 -10.65
CA ILE A 233 -29.66 -27.72 -11.35
C ILE A 233 -29.86 -26.56 -10.34
N SER A 234 -29.28 -25.44 -10.70
CA SER A 234 -29.61 -24.21 -10.09
C SER A 234 -29.45 -23.18 -11.21
N PHE A 235 -29.90 -21.96 -10.93
CA PHE A 235 -29.88 -20.89 -11.95
C PHE A 235 -30.05 -19.56 -11.28
N PHE A 236 -29.95 -18.51 -12.08
CA PHE A 236 -30.45 -17.17 -11.65
C PHE A 236 -30.84 -16.34 -12.84
N ALA A 237 -31.63 -15.31 -12.58
CA ALA A 237 -32.00 -14.33 -13.61
C ALA A 237 -32.39 -13.02 -12.96
N GLN A 238 -32.06 -11.93 -13.66
CA GLN A 238 -32.37 -10.60 -13.21
C GLN A 238 -32.68 -9.65 -14.36
N TYR A 239 -33.46 -8.65 -13.99
CA TYR A 239 -33.84 -7.55 -14.84
C TYR A 239 -33.43 -6.29 -14.06
N LYS A 240 -32.82 -5.34 -14.75
CA LYS A 240 -32.28 -4.16 -14.11
C LYS A 240 -32.68 -2.94 -14.90
N TYR A 241 -33.29 -1.97 -14.23
CA TYR A 241 -33.81 -0.80 -14.90
C TYR A 241 -33.06 0.42 -14.36
N MET A 242 -32.49 1.20 -15.26
CA MET A 242 -31.72 2.38 -14.89
C MET A 242 -32.24 3.69 -15.51
N GLU A 243 -32.57 4.65 -14.66
CA GLU A 243 -33.01 5.99 -15.10
C GLU A 243 -32.01 7.06 -14.58
N ALA A 244 -31.82 8.11 -15.37
CA ALA A 244 -31.07 9.26 -14.93
C ALA A 244 -31.68 10.55 -15.38
N ASP A 245 -31.49 11.62 -14.60
CA ASP A 245 -31.86 12.99 -15.00
C ASP A 245 -30.76 13.99 -14.74
N ALA A 246 -30.51 14.85 -15.69
CA ALA A 246 -29.51 15.91 -15.57
C ALA A 246 -30.13 17.25 -15.23
N SER A 247 -29.32 18.12 -14.63
CA SER A 247 -29.79 19.48 -14.28
C SER A 247 -30.28 20.32 -15.46
N ASN A 248 -29.86 20.03 -16.68
CA ASN A 248 -30.38 20.73 -17.87
C ASN A 248 -31.68 20.13 -18.46
N GLY A 249 -32.30 19.14 -17.82
CA GLY A 249 -33.59 18.60 -18.27
C GLY A 249 -33.53 17.31 -19.04
N VAL A 250 -32.34 16.91 -19.46
CA VAL A 250 -32.17 15.67 -20.19
C VAL A 250 -32.53 14.45 -19.28
N ASN A 251 -33.26 13.49 -19.87
CA ASN A 251 -33.61 12.25 -19.26
C ASN A 251 -32.92 11.12 -20.01
N GLU A 252 -32.57 10.07 -19.29
CA GLU A 252 -31.97 8.88 -19.91
C GLU A 252 -32.54 7.66 -19.22
N LYS A 253 -32.71 6.61 -20.00
CA LYS A 253 -33.13 5.30 -19.50
C LYS A 253 -32.31 4.22 -20.21
N GLN A 254 -32.01 3.17 -19.49
CA GLN A 254 -31.53 1.98 -20.12
C GLN A 254 -31.80 0.81 -19.26
N ASP A 255 -32.08 -0.34 -19.85
CA ASP A 255 -32.30 -1.55 -19.07
C ASP A 255 -31.37 -2.67 -19.48
N ALA A 256 -31.44 -3.76 -18.74
CA ALA A 256 -30.46 -4.81 -18.86
C ALA A 256 -30.95 -6.08 -18.21
N MET A 257 -30.28 -7.19 -18.55
CA MET A 257 -30.60 -8.48 -17.91
C MET A 257 -29.35 -9.31 -17.76
N SER A 258 -29.44 -10.33 -16.92
CA SER A 258 -28.40 -11.31 -16.82
C SER A 258 -29.04 -12.57 -16.33
N ALA A 259 -28.59 -13.70 -16.89
CA ALA A 259 -29.03 -15.01 -16.43
C ALA A 259 -27.87 -16.07 -16.42
N GLY A 260 -28.03 -17.07 -15.55
CA GLY A 260 -27.14 -18.22 -15.56
C GLY A 260 -27.83 -19.54 -15.28
N LEU A 261 -27.24 -20.61 -15.81
CA LEU A 261 -27.72 -21.97 -15.61
C LEU A 261 -26.54 -22.84 -15.17
N MET A 262 -26.79 -23.72 -14.21
CA MET A 262 -25.71 -24.48 -13.63
C MET A 262 -26.16 -25.89 -13.40
N TYR A 263 -25.26 -26.83 -13.63
CA TYR A 263 -25.50 -28.21 -13.26
C TYR A 263 -24.32 -28.70 -12.40
N THR A 264 -24.63 -29.13 -11.19
CA THR A 264 -23.67 -29.62 -10.23
C THR A 264 -23.85 -31.10 -10.07
N THR A 265 -22.83 -31.88 -10.40
CA THR A 265 -22.84 -33.34 -10.20
C THR A 265 -21.49 -33.88 -9.69
N GLY A 266 -21.51 -34.53 -8.53
CA GLY A 266 -20.29 -35.06 -7.91
C GLY A 266 -19.36 -33.88 -7.63
N ASP A 267 -18.14 -33.91 -8.17
CA ASP A 267 -17.15 -32.85 -7.93
C ASP A 267 -17.11 -31.79 -9.02
N TRP A 268 -18.12 -31.73 -9.86
CA TRP A 268 -18.11 -30.82 -11.01
C TRP A 268 -19.25 -29.83 -11.00
N GLN A 269 -19.04 -28.68 -11.64
CA GLN A 269 -20.13 -27.78 -11.92
C GLN A 269 -19.93 -27.13 -13.27
N TYR A 270 -20.94 -27.28 -14.16
CA TYR A 270 -20.94 -26.65 -15.51
C TYR A 270 -21.78 -25.43 -15.39
N LYS A 271 -21.52 -24.43 -16.21
CA LYS A 271 -22.19 -23.15 -16.09
C LYS A 271 -22.19 -22.40 -17.41
N LEU A 272 -23.35 -21.86 -17.73
CA LEU A 272 -23.54 -21.00 -18.87
C LEU A 272 -24.13 -19.69 -18.39
N GLY A 273 -23.65 -18.57 -18.92
CA GLY A 273 -24.15 -17.28 -18.52
C GLY A 273 -24.32 -16.37 -19.71
N TYR A 274 -25.30 -15.47 -19.58
CA TYR A 274 -25.63 -14.53 -20.64
C TYR A 274 -26.06 -13.22 -19.93
N ALA A 275 -25.61 -12.09 -20.47
CA ALA A 275 -26.08 -10.81 -19.99
C ALA A 275 -26.03 -9.81 -21.11
N ALA A 276 -26.89 -8.78 -20.99
CA ALA A 276 -27.15 -7.82 -22.05
C ALA A 276 -27.54 -6.47 -21.44
N ASN A 277 -27.05 -5.42 -22.07
CA ASN A 277 -27.62 -4.09 -21.94
C ASN A 277 -28.33 -3.80 -23.25
N PHE A 278 -29.53 -3.29 -23.14
CA PHE A 278 -30.29 -2.89 -24.31
C PHE A 278 -29.93 -1.48 -24.70
N ASP A 279 -30.33 -1.10 -25.91
CA ASP A 279 -30.08 0.25 -26.47
C ASP A 279 -30.57 1.30 -25.45
N LEU A 280 -29.81 2.38 -25.37
CA LEU A 280 -30.10 3.44 -24.42
C LEU A 280 -31.08 4.38 -25.06
N GLU A 281 -31.90 4.99 -24.21
CA GLU A 281 -32.84 5.99 -24.61
C GLU A 281 -32.50 7.32 -23.93
N ARG A 282 -32.56 8.40 -24.72
CA ARG A 282 -32.32 9.74 -24.25
C ARG A 282 -33.40 10.68 -24.76
N ASP A 283 -34.08 11.32 -23.80
CA ASP A 283 -35.14 12.27 -24.09
C ASP A 283 -36.15 11.64 -25.06
N GLY A 284 -36.53 10.40 -24.74
CA GLY A 284 -37.50 9.64 -25.51
C GLY A 284 -36.97 8.93 -26.74
N LYS A 285 -35.82 9.32 -27.31
CA LYS A 285 -35.24 8.69 -28.53
C LYS A 285 -34.23 7.60 -28.21
N THR A 286 -34.34 6.46 -28.89
CA THR A 286 -33.36 5.39 -28.77
C THR A 286 -32.11 5.72 -29.57
N LEU A 287 -30.95 5.45 -28.99
CA LEU A 287 -29.66 5.59 -29.66
C LEU A 287 -29.23 4.24 -30.18
N SER A 288 -29.01 4.16 -31.49
CA SER A 288 -28.77 2.86 -32.10
C SER A 288 -27.38 2.41 -31.72
N ASN A 289 -27.27 1.09 -31.62
CA ASN A 289 -26.02 0.39 -31.37
C ASN A 289 -25.35 0.78 -30.09
N THR A 290 -26.14 1.08 -29.07
CA THR A 290 -25.63 1.39 -27.78
C THR A 290 -25.87 0.23 -26.85
N SER A 291 -26.06 -0.99 -27.37
CA SER A 291 -26.29 -2.19 -26.51
C SER A 291 -25.00 -3.03 -26.36
N ASP A 292 -25.00 -3.99 -25.46
CA ASP A 292 -23.84 -4.83 -25.20
C ASP A 292 -24.33 -6.22 -24.89
N ASP A 293 -23.59 -7.24 -25.28
CA ASP A 293 -23.90 -8.52 -24.69
C ASP A 293 -22.71 -9.38 -24.48
N VAL A 294 -22.91 -10.43 -23.70
CA VAL A 294 -21.85 -11.36 -23.38
C VAL A 294 -22.44 -12.75 -23.16
N VAL A 295 -21.76 -13.73 -23.76
CA VAL A 295 -21.98 -15.16 -23.48
C VAL A 295 -20.72 -15.87 -22.95
N SER A 296 -20.93 -16.80 -22.04
CA SER A 296 -19.85 -17.32 -21.26
C SER A 296 -20.10 -18.74 -20.91
N ALA A 297 -19.03 -19.53 -20.79
CA ALA A 297 -19.18 -20.95 -20.39
C ALA A 297 -18.10 -21.35 -19.40
N GLN A 298 -18.39 -22.27 -18.50
CA GLN A 298 -17.41 -22.57 -17.51
C GLN A 298 -17.55 -23.91 -16.92
N ILE A 299 -16.40 -24.52 -16.64
CA ILE A 299 -16.37 -25.77 -15.88
C ILE A 299 -15.43 -25.62 -14.68
N MET A 300 -15.89 -26.15 -13.56
CA MET A 300 -15.29 -25.94 -12.29
C MET A 300 -15.23 -27.25 -11.53
N TYR A 301 -14.13 -27.48 -10.82
CA TYR A 301 -13.86 -28.78 -10.17
C TYR A 301 -13.60 -28.52 -8.69
N PHE A 302 -14.37 -29.18 -7.86
CA PHE A 302 -14.28 -29.03 -6.42
C PHE A 302 -13.12 -29.85 -5.88
N VAL A 303 -11.95 -29.25 -6.04
CA VAL A 303 -10.69 -29.93 -5.86
C VAL A 303 -10.39 -30.23 -4.39
N ASP A 304 -11.02 -29.49 -3.49
CA ASP A 304 -10.81 -29.65 -2.04
C ASP A 304 -11.98 -28.98 -1.36
N PRO A 305 -12.35 -29.39 -0.14
CA PRO A 305 -13.35 -28.59 0.56
C PRO A 305 -13.04 -27.06 0.64
N SER A 306 -11.76 -26.70 0.57
CA SER A 306 -11.32 -25.27 0.64
C SER A 306 -10.96 -24.55 -0.66
N ALA A 307 -11.23 -25.18 -1.81
CA ALA A 307 -10.66 -24.73 -3.09
C ALA A 307 -11.36 -25.29 -4.32
N VAL A 308 -11.17 -24.58 -5.43
CA VAL A 308 -11.66 -24.98 -6.75
C VAL A 308 -10.66 -24.62 -7.84
N LEU A 309 -10.70 -25.43 -8.93
CA LEU A 309 -10.07 -25.14 -10.22
C LEU A 309 -11.20 -24.86 -11.24
N TYR A 310 -10.91 -24.07 -12.28
CA TYR A 310 -11.93 -23.76 -13.24
C TYR A 310 -11.36 -23.33 -14.56
N ALA A 311 -12.13 -23.54 -15.63
CA ALA A 311 -11.73 -23.10 -16.97
C ALA A 311 -12.89 -22.35 -17.51
N ARG A 312 -12.65 -21.33 -18.31
CA ARG A 312 -13.71 -20.49 -18.71
C ARG A 312 -13.48 -19.81 -20.05
N ALA A 313 -14.55 -19.71 -20.85
CA ALA A 313 -14.49 -19.06 -22.18
C ALA A 313 -15.64 -18.06 -22.29
N ARG A 314 -15.40 -16.90 -22.90
CA ARG A 314 -16.42 -15.90 -23.03
C ARG A 314 -16.15 -14.92 -24.15
N MET A 315 -17.25 -14.30 -24.58
CA MET A 315 -17.31 -13.53 -25.83
C MET A 315 -18.13 -12.30 -25.52
N ASN A 316 -17.48 -11.14 -25.54
CA ASN A 316 -18.10 -9.86 -25.27
C ASN A 316 -18.27 -9.09 -26.49
N ASP A 317 -19.50 -8.72 -26.78
CA ASP A 317 -19.79 -7.85 -27.90
C ASP A 317 -20.37 -6.58 -27.33
N PHE A 318 -19.57 -5.52 -27.45
CA PHE A 318 -19.92 -4.22 -26.91
C PHE A 318 -20.42 -3.32 -28.01
N ASN A 319 -21.05 -2.28 -27.48
CA ASN A 319 -21.56 -1.15 -28.19
C ASN A 319 -20.51 -0.39 -28.99
N GLU A 320 -20.99 0.44 -29.88
CA GLU A 320 -20.14 1.11 -30.86
C GLU A 320 -19.84 2.59 -30.51
N GLY A 321 -20.30 3.07 -29.35
CA GLY A 321 -20.00 4.41 -28.90
C GLY A 321 -21.17 5.35 -28.74
N LEU A 322 -21.01 6.27 -27.80
CA LEU A 322 -21.89 7.45 -27.66
C LEU A 322 -21.21 8.68 -27.09
N ASP A 323 -21.81 9.83 -27.33
CA ASP A 323 -21.41 11.07 -26.74
C ASP A 323 -22.25 11.34 -25.48
N GLY A 324 -21.59 11.87 -24.42
CA GLY A 324 -22.27 12.44 -23.27
C GLY A 324 -22.75 13.84 -23.57
N LEU A 325 -23.27 14.52 -22.56
CA LEU A 325 -23.99 15.80 -22.80
C LEU A 325 -23.08 16.99 -23.00
N ASP A 326 -21.79 16.76 -23.23
CA ASP A 326 -20.81 17.82 -23.40
C ASP A 326 -20.14 17.69 -24.78
N ASP A 327 -20.77 16.89 -25.65
CA ASP A 327 -20.23 16.54 -26.96
C ASP A 327 -18.90 15.74 -26.96
N ALA A 328 -18.54 15.09 -25.87
CA ALA A 328 -17.37 14.24 -25.84
C ALA A 328 -17.80 12.77 -25.68
N ALA A 329 -17.06 11.84 -26.27
CA ALA A 329 -17.30 10.42 -26.02
C ALA A 329 -17.50 10.16 -24.54
N ARG A 330 -18.49 9.34 -24.20
CA ARG A 330 -18.74 8.91 -22.85
C ARG A 330 -18.06 7.56 -22.68
N TRP A 331 -17.24 7.43 -21.67
CA TRP A 331 -16.55 6.22 -21.47
C TRP A 331 -17.56 5.14 -21.18
N THR A 332 -17.40 3.99 -21.84
CA THR A 332 -18.11 2.73 -21.47
C THR A 332 -17.13 1.58 -21.40
N SER A 333 -17.57 0.45 -20.85
CA SER A 333 -16.83 -0.80 -20.95
C SER A 333 -16.61 -1.30 -22.38
N GLY A 334 -17.22 -0.64 -23.35
CA GLY A 334 -16.93 -0.97 -24.72
C GLY A 334 -15.90 -0.13 -25.37
N THR A 335 -15.46 0.96 -24.72
CA THR A 335 -14.48 1.93 -25.30
C THR A 335 -13.20 1.24 -25.81
N ASN A 336 -12.69 0.29 -25.05
CA ASN A 336 -11.54 -0.49 -25.49
C ASN A 336 -11.77 -1.52 -26.61
N GLY A 337 -13.01 -1.96 -26.77
CA GLY A 337 -13.40 -2.77 -27.92
C GLY A 337 -13.88 -4.18 -27.61
N ASP A 338 -14.48 -4.82 -28.63
CA ASP A 338 -14.96 -6.21 -28.53
C ASP A 338 -13.75 -7.11 -28.18
N TYR A 339 -13.95 -8.12 -27.35
CA TYR A 339 -12.89 -9.09 -27.14
C TYR A 339 -13.42 -10.39 -26.66
N ASN A 340 -12.73 -11.48 -27.00
CA ASN A 340 -12.97 -12.80 -26.38
C ASN A 340 -11.87 -13.20 -25.33
N GLU A 341 -12.17 -14.17 -24.48
CA GLU A 341 -11.25 -14.58 -23.49
C GLU A 341 -11.38 -16.02 -23.07
N TYR A 342 -10.22 -16.67 -22.97
CA TYR A 342 -10.05 -18.02 -22.41
C TYR A 342 -9.15 -17.86 -21.13
N SER A 343 -9.52 -18.59 -20.07
CA SER A 343 -8.86 -18.52 -18.81
C SER A 343 -9.00 -19.80 -18.06
N VAL A 344 -8.05 -20.09 -17.19
CA VAL A 344 -8.14 -21.12 -16.15
C VAL A 344 -7.72 -20.44 -14.85
N GLY A 345 -8.16 -21.00 -13.73
CA GLY A 345 -7.97 -20.36 -12.49
C GLY A 345 -8.07 -21.29 -11.29
N VAL A 346 -7.63 -20.77 -10.15
CA VAL A 346 -7.75 -21.48 -8.89
C VAL A 346 -8.12 -20.47 -7.78
N GLU A 347 -8.89 -20.94 -6.77
CA GLU A 347 -9.29 -20.11 -5.63
C GLU A 347 -9.25 -21.00 -4.42
N TYR A 348 -8.70 -20.46 -3.31
CA TYR A 348 -8.49 -21.13 -2.02
C TYR A 348 -8.73 -20.20 -0.87
N TYR A 349 -9.42 -20.67 0.17
CA TYR A 349 -9.78 -19.85 1.30
C TYR A 349 -9.16 -20.44 2.54
N PHE A 350 -8.39 -19.61 3.23
CA PHE A 350 -7.88 -19.93 4.62
C PHE A 350 -8.24 -18.86 5.66
N ASP B 1 17.35 -7.62 -5.72
CA ASP B 1 17.54 -6.20 -5.34
C ASP B 1 17.84 -6.15 -3.84
N GLY B 2 18.17 -4.95 -3.37
CA GLY B 2 18.39 -4.76 -1.93
C GLY B 2 19.81 -4.94 -1.37
N ALA B 3 20.04 -4.51 -0.14
CA ALA B 3 21.38 -4.61 0.44
C ALA B 3 21.98 -6.02 0.53
N ASN B 4 21.13 -7.03 0.73
CA ASN B 4 21.55 -8.40 0.87
C ASN B 4 20.64 -9.41 0.17
N SER B 5 19.86 -8.96 -0.83
CA SER B 5 18.94 -9.83 -1.53
C SER B 5 18.09 -10.64 -0.54
N ASP B 6 17.84 -11.93 -0.85
CA ASP B 6 17.12 -12.81 0.03
C ASP B 6 18.02 -13.73 0.81
N ALA B 7 19.23 -13.26 1.07
CA ALA B 7 20.22 -14.06 1.78
C ALA B 7 19.79 -14.43 3.19
N ALA B 8 19.09 -13.52 3.89
CA ALA B 8 18.57 -13.82 5.23
C ALA B 8 17.68 -15.06 5.25
N LYS B 9 16.65 -15.05 4.41
CA LYS B 9 15.81 -16.26 4.19
C LYS B 9 16.67 -17.51 3.95
N GLU B 10 17.63 -17.38 3.02
CA GLU B 10 18.35 -18.58 2.54
C GLU B 10 19.32 -19.14 3.56
N TYR B 11 19.93 -18.31 4.37
CA TYR B 11 21.02 -18.75 5.27
C TYR B 11 20.72 -18.67 6.77
N LEU B 12 19.87 -17.72 7.24
CA LEU B 12 19.59 -17.59 8.70
C LEU B 12 18.55 -18.57 9.24
N THR B 13 18.63 -18.91 10.52
CA THR B 13 17.56 -19.67 11.18
C THR B 13 16.29 -18.78 11.33
N LYS B 14 15.15 -19.29 10.87
CA LYS B 14 13.86 -18.59 10.93
C LYS B 14 13.44 -18.63 12.40
N ASP B 15 13.32 -17.44 13.02
CA ASP B 15 12.92 -17.36 14.43
C ASP B 15 11.37 -17.39 14.54
N SER B 16 10.78 -18.56 14.31
CA SER B 16 9.36 -18.68 14.12
C SER B 16 8.53 -18.36 15.38
N PHE B 17 7.28 -18.01 15.14
CA PHE B 17 6.36 -17.40 16.13
C PHE B 17 6.99 -16.34 17.08
N SER B 18 7.90 -15.52 16.58
CA SER B 18 8.59 -14.49 17.42
C SER B 18 8.21 -13.15 16.85
N TYR B 19 6.91 -12.90 16.93
CA TYR B 19 6.26 -11.70 16.42
C TYR B 19 4.88 -11.56 17.04
N GLU B 20 4.34 -10.35 16.97
CA GLU B 20 3.04 -10.07 17.44
C GLU B 20 2.38 -9.20 16.35
N VAL B 21 1.10 -9.48 16.15
CA VAL B 21 0.22 -8.71 15.29
C VAL B 21 -0.63 -7.98 16.24
N TYR B 22 -0.77 -6.67 16.01
CA TYR B 22 -1.56 -5.87 16.91
C TYR B 22 -2.38 -4.93 16.02
N GLY B 23 -3.44 -4.34 16.60
CA GLY B 23 -4.07 -3.25 15.94
C GLY B 23 -4.85 -2.30 16.79
N ILE B 24 -5.03 -1.13 16.22
CA ILE B 24 -5.92 -0.17 16.83
C ILE B 24 -7.03 -0.02 15.80
N ILE B 25 -8.23 -0.34 16.23
CA ILE B 25 -9.42 -0.15 15.47
C ILE B 25 -10.04 1.16 15.93
N ALA B 26 -10.20 2.09 15.00
CA ALA B 26 -10.60 3.42 15.30
C ALA B 26 -11.45 3.95 14.15
N MET B 27 -12.64 4.40 14.50
CA MET B 27 -13.65 4.95 13.57
C MET B 27 -14.33 6.16 14.26
N GLN B 28 -14.36 7.24 13.53
CA GLN B 28 -14.93 8.46 13.93
C GLN B 28 -15.91 8.84 12.82
N ALA B 29 -17.19 8.98 13.16
CA ALA B 29 -18.18 9.53 12.27
C ALA B 29 -18.19 11.02 12.54
N ALA B 30 -17.79 11.84 11.59
CA ALA B 30 -17.60 13.27 11.86
C ALA B 30 -18.38 14.13 10.87
N TYR B 31 -19.19 15.11 11.33
CA TYR B 31 -19.93 16.01 10.44
C TYR B 31 -19.31 17.37 10.55
N ARG B 32 -18.90 17.96 9.44
CA ARG B 32 -18.37 19.31 9.47
C ARG B 32 -19.21 20.33 8.80
N ASP B 33 -19.19 21.54 9.36
CA ASP B 33 -19.92 22.70 8.80
C ASP B 33 -18.92 23.84 8.57
N TYR B 34 -18.66 24.16 7.30
CA TYR B 34 -17.63 25.14 6.88
C TYR B 34 -18.27 26.48 6.67
N ASP B 35 -17.52 27.52 6.91
CA ASP B 35 -17.93 28.86 6.66
C ASP B 35 -16.71 29.54 6.08
N SER B 36 -16.42 29.17 4.85
CA SER B 36 -15.27 29.65 4.14
C SER B 36 -15.47 31.03 3.49
N GLY B 37 -16.72 31.47 3.35
CA GLY B 37 -17.02 32.61 2.50
C GLY B 37 -17.41 32.30 1.06
N ASP B 38 -17.32 31.01 0.67
CA ASP B 38 -17.84 30.52 -0.62
C ASP B 38 -18.77 29.34 -0.31
N ALA B 39 -20.06 29.45 -0.66
CA ALA B 39 -21.04 28.40 -0.32
C ALA B 39 -20.75 27.05 -1.00
N LYS B 40 -20.17 27.10 -2.20
CA LYS B 40 -19.82 25.90 -2.98
C LYS B 40 -18.69 25.15 -2.32
N GLN B 41 -17.62 25.88 -1.99
CA GLN B 41 -16.54 25.30 -1.22
C GLN B 41 -17.03 24.71 0.13
N ASP B 42 -18.01 25.36 0.77
CA ASP B 42 -18.56 24.87 2.03
C ASP B 42 -19.31 23.53 1.93
N ASP B 43 -20.08 23.38 0.86
CA ASP B 43 -20.70 22.09 0.52
C ASP B 43 -19.69 20.99 0.21
N ASN B 44 -18.66 21.34 -0.55
CA ASN B 44 -17.68 20.33 -0.90
C ASN B 44 -17.04 19.74 0.37
N LEU B 45 -16.44 20.65 1.15
CA LEU B 45 -15.59 20.26 2.27
C LEU B 45 -16.37 19.77 3.47
N GLY B 46 -17.54 20.36 3.67
CA GLY B 46 -18.39 19.94 4.73
C GLY B 46 -19.26 18.78 4.35
N GLY B 47 -19.98 18.27 5.35
CA GLY B 47 -20.81 17.15 5.27
C GLY B 47 -20.28 16.08 6.17
N MET B 48 -20.84 14.88 6.06
CA MET B 48 -20.58 13.79 6.94
C MET B 48 -19.61 12.86 6.22
N GLN B 49 -18.58 12.45 6.98
CA GLN B 49 -17.65 11.44 6.52
C GLN B 49 -17.30 10.50 7.65
N LEU B 50 -16.76 9.34 7.26
CA LEU B 50 -16.31 8.36 8.23
C LEU B 50 -14.81 8.35 8.19
N ASN B 51 -14.18 8.65 9.32
CA ASN B 51 -12.78 8.80 9.39
C ASN B 51 -12.27 7.51 10.05
N ASN B 52 -11.83 6.59 9.20
CA ASN B 52 -11.35 5.28 9.63
C ASN B 52 -9.86 5.34 9.83
N GLU B 53 -9.46 5.33 11.09
CA GLU B 53 -8.04 5.38 11.46
C GLU B 53 -7.59 4.09 11.99
N SER B 54 -8.28 3.03 11.61
CA SER B 54 -7.83 1.72 11.98
C SER B 54 -6.46 1.45 11.33
N ARG B 55 -5.61 0.74 12.07
CA ARG B 55 -4.34 0.26 11.57
C ARG B 55 -3.90 -1.07 12.20
N ILE B 56 -3.10 -1.78 11.40
CA ILE B 56 -2.48 -3.03 11.80
C ILE B 56 -1.01 -2.83 11.86
N GLY B 57 -0.38 -3.51 12.79
CA GLY B 57 1.08 -3.51 12.87
C GLY B 57 1.63 -4.81 13.32
N PHE B 58 2.95 -4.83 13.22
CA PHE B 58 3.76 -5.99 13.59
C PHE B 58 4.98 -5.54 14.45
N ARG B 59 5.31 -6.33 15.47
CA ARG B 59 6.46 -5.99 16.35
C ARG B 59 7.03 -7.19 17.12
N GLY B 60 8.26 -7.00 17.59
CA GLY B 60 8.86 -7.98 18.43
C GLY B 60 10.18 -7.62 19.03
N LYS B 61 10.72 -8.58 19.80
CA LYS B 61 11.95 -8.44 20.48
C LYS B 61 12.73 -9.68 20.36
N LYS B 62 14.06 -9.55 20.24
CA LYS B 62 14.89 -10.72 20.18
C LYS B 62 16.16 -10.50 20.93
N GLN B 63 16.41 -11.43 21.85
CA GLN B 63 17.69 -11.48 22.61
C GLN B 63 18.69 -12.32 21.74
N PHE B 64 19.60 -11.60 21.07
CA PHE B 64 20.62 -12.20 20.23
C PHE B 64 21.71 -12.85 21.13
N ALA B 65 22.15 -14.04 20.72
CA ALA B 65 22.99 -14.85 21.56
C ALA B 65 24.33 -14.17 21.89
N ASN B 66 24.81 -13.29 20.99
CA ASN B 66 26.15 -12.68 21.06
C ASN B 66 26.10 -11.15 21.17
N PHE B 67 25.04 -10.59 21.79
CA PHE B 67 24.92 -9.15 21.93
C PHE B 67 23.93 -8.91 23.03
N GLU B 68 24.33 -8.16 24.05
CA GLU B 68 23.55 -8.05 25.28
C GLU B 68 22.31 -7.19 25.08
N PRO B 69 22.44 -6.00 24.47
CA PRO B 69 21.22 -5.17 24.25
C PRO B 69 20.18 -5.85 23.30
N THR B 70 19.01 -6.10 23.88
CA THR B 70 17.88 -6.71 23.21
C THR B 70 17.47 -5.93 21.97
N PHE B 71 17.29 -6.66 20.85
CA PHE B 71 16.90 -6.11 19.58
C PHE B 71 15.39 -5.91 19.65
N ILE B 72 14.89 -4.82 19.09
CA ILE B 72 13.47 -4.55 18.99
C ILE B 72 13.18 -4.06 17.58
N TRP B 73 11.98 -4.31 17.10
CA TRP B 73 11.55 -3.88 15.75
C TRP B 73 10.03 -3.70 15.77
N GLN B 74 9.58 -2.90 14.82
CA GLN B 74 8.19 -2.70 14.62
C GLN B 74 7.93 -2.18 13.21
N ILE B 75 6.77 -2.55 12.69
CA ILE B 75 6.27 -2.09 11.40
C ILE B 75 4.76 -1.89 11.47
N GLU B 76 4.37 -0.63 11.29
CA GLU B 76 3.01 -0.19 11.59
C GLU B 76 2.41 0.43 10.36
N GLY B 77 1.22 -0.12 10.03
CA GLY B 77 0.50 0.33 8.90
C GLY B 77 -0.08 1.72 9.09
N GLY B 78 -0.34 2.39 7.98
CA GLY B 78 -1.10 3.63 7.97
C GLY B 78 -2.58 3.46 8.25
N TYR B 79 -3.25 4.57 8.45
CA TYR B 79 -4.76 4.61 8.60
C TYR B 79 -5.40 4.09 7.30
N VAL B 80 -6.29 3.14 7.48
CA VAL B 80 -6.92 2.45 6.33
C VAL B 80 -8.00 3.16 5.44
N ASP B 81 -8.78 4.07 5.99
CA ASP B 81 -9.68 4.92 5.17
C ASP B 81 -10.08 6.21 5.92
N PRO B 82 -9.12 7.09 6.09
CA PRO B 82 -9.37 8.34 6.83
C PRO B 82 -10.27 9.24 5.91
N SER B 83 -10.89 10.22 6.52
CA SER B 83 -11.71 11.17 5.85
C SER B 83 -10.81 12.00 5.07
N PHE B 84 -11.33 12.50 3.98
CA PHE B 84 -10.62 13.38 3.04
C PHE B 84 -9.64 12.61 2.20
N GLY B 85 -9.68 11.31 2.26
CA GLY B 85 -8.63 10.53 1.61
C GLY B 85 -9.16 9.21 1.09
N GLY B 86 -8.51 8.73 0.03
CA GLY B 86 -8.85 7.48 -0.56
C GLY B 86 -8.60 6.30 0.41
N GLU B 87 -9.06 5.14 -0.01
CA GLU B 87 -8.95 3.94 0.78
C GLU B 87 -7.54 3.38 0.62
N GLY B 88 -7.12 2.63 1.62
CA GLY B 88 -5.89 1.88 1.55
C GLY B 88 -4.62 2.52 2.13
N ALA B 89 -3.86 1.67 2.83
CA ALA B 89 -2.63 2.03 3.44
C ALA B 89 -1.61 0.95 3.41
N GLY B 90 -0.36 1.33 3.17
CA GLY B 90 0.74 0.40 3.19
C GLY B 90 1.28 0.18 4.60
N LEU B 91 2.07 -0.89 4.72
CA LEU B 91 2.86 -1.17 5.91
C LEU B 91 4.06 -0.24 5.92
N GLY B 92 4.35 0.31 7.11
CA GLY B 92 5.45 1.19 7.32
C GLY B 92 5.07 2.63 7.23
N GLU B 93 3.77 2.96 7.19
CA GLU B 93 3.37 4.35 6.97
C GLU B 93 3.46 5.06 8.31
N ARG B 94 3.26 4.33 9.39
CA ARG B 94 3.41 4.83 10.73
C ARG B 94 4.72 4.29 11.39
N ASP B 95 4.80 4.32 12.70
CA ASP B 95 6.11 4.19 13.41
C ASP B 95 6.62 2.84 13.04
N THR B 96 7.80 2.86 12.43
CA THR B 96 8.35 1.69 11.78
C THR B 96 9.89 1.77 11.92
N PHE B 97 10.47 0.83 12.67
CA PHE B 97 11.85 0.98 13.08
C PHE B 97 12.47 -0.32 13.54
N VAL B 98 13.78 -0.24 13.71
CA VAL B 98 14.54 -1.23 14.51
C VAL B 98 15.21 -0.51 15.66
N GLY B 99 15.66 -1.26 16.65
CA GLY B 99 16.50 -0.67 17.66
C GLY B 99 17.02 -1.64 18.68
N PHE B 100 17.46 -1.10 19.81
CA PHE B 100 18.15 -1.87 20.84
C PHE B 100 17.87 -1.31 22.20
N GLU B 101 17.91 -2.18 23.22
CA GLU B 101 17.56 -1.67 24.56
C GLU B 101 18.24 -2.39 25.71
N SER B 102 18.53 -1.62 26.73
CA SER B 102 19.26 -2.05 27.94
C SER B 102 18.77 -1.22 29.10
N ALA B 103 18.55 -1.86 30.24
CA ALA B 103 17.95 -1.17 31.41
C ALA B 103 18.79 0.06 31.81
N SER B 104 20.11 -0.09 31.84
CA SER B 104 20.97 1.02 32.26
C SER B 104 20.91 2.27 31.34
N TRP B 105 20.73 2.13 30.03
CA TRP B 105 20.71 3.32 29.16
C TRP B 105 19.47 3.57 28.32
N GLY B 106 18.41 2.78 28.55
CA GLY B 106 17.17 3.00 27.88
C GLY B 106 17.02 2.25 26.55
N GLN B 107 16.70 3.00 25.50
CA GLN B 107 16.43 2.49 24.19
C GLN B 107 16.81 3.48 23.04
N VAL B 108 17.37 2.94 21.95
CA VAL B 108 17.67 3.65 20.72
C VAL B 108 16.89 2.93 19.55
N ARG B 109 16.24 3.76 18.73
CA ARG B 109 15.47 3.36 17.63
C ARG B 109 16.00 4.12 16.44
N LEU B 110 16.05 3.40 15.31
CA LEU B 110 16.42 3.94 14.05
C LEU B 110 15.31 3.63 13.08
N GLY B 111 14.90 4.68 12.37
CA GLY B 111 13.84 4.58 11.37
C GLY B 111 12.88 5.75 11.34
N ARG B 112 11.61 5.42 11.51
CA ARG B 112 10.54 6.36 11.34
C ARG B 112 9.80 6.43 12.67
N VAL B 113 9.91 7.58 13.33
CA VAL B 113 9.38 7.75 14.70
C VAL B 113 8.95 9.16 14.86
N LEU B 114 8.33 9.40 15.99
CA LEU B 114 8.02 10.80 16.34
C LEU B 114 9.25 11.56 16.86
N THR B 115 9.41 12.81 16.41
CA THR B 115 10.37 13.68 17.03
C THR B 115 9.97 13.98 18.45
N PRO B 116 10.93 14.32 19.34
CA PRO B 116 10.56 14.56 20.76
C PRO B 116 9.60 15.73 21.01
N MET B 117 9.81 16.81 20.27
CA MET B 117 8.92 17.94 20.26
C MET B 117 7.51 17.54 19.80
N TYR B 118 7.40 16.89 18.60
CA TYR B 118 6.08 16.45 18.10
C TYR B 118 5.39 15.52 19.06
N GLU B 119 6.12 14.65 19.79
CA GLU B 119 5.40 13.75 20.67
C GLU B 119 4.62 14.51 21.69
N LEU B 120 5.22 15.54 22.29
CA LEU B 120 4.49 16.36 23.30
C LEU B 120 3.43 17.28 22.68
N VAL B 121 3.70 17.83 21.50
CA VAL B 121 2.67 18.59 20.75
C VAL B 121 1.39 17.75 20.52
N ASP B 122 1.59 16.50 20.05
CA ASP B 122 0.53 15.65 19.67
C ASP B 122 -0.21 15.21 20.86
N TRP B 123 0.50 14.61 21.84
CA TRP B 123 -0.11 14.18 23.12
C TRP B 123 0.68 14.76 24.33
N PRO B 124 0.03 15.47 25.26
CA PRO B 124 -1.43 15.62 25.39
C PRO B 124 -2.12 16.76 24.61
N ALA B 125 -1.34 17.59 23.94
CA ALA B 125 -1.77 18.97 23.67
C ALA B 125 -2.59 19.16 22.43
N SER B 126 -2.87 18.09 21.68
CA SER B 126 -3.70 18.19 20.44
C SER B 126 -5.10 17.62 20.68
N ASN B 127 -5.30 17.04 21.83
CA ASN B 127 -6.53 16.33 22.09
C ASN B 127 -7.43 17.16 23.02
N PRO B 128 -8.72 17.26 22.71
CA PRO B 128 -9.40 16.67 21.53
C PRO B 128 -9.78 17.69 20.37
N GLY B 129 -9.30 17.50 19.14
CA GLY B 129 -9.71 18.36 18.01
C GLY B 129 -8.88 19.59 17.92
N LEU B 130 -7.79 19.59 18.67
CA LEU B 130 -6.96 20.82 18.77
C LEU B 130 -5.86 20.86 17.75
N GLY B 131 -5.71 19.75 17.02
CA GLY B 131 -4.63 19.57 16.10
C GLY B 131 -4.62 20.53 14.94
N ASP B 132 -5.73 20.88 14.36
CA ASP B 132 -5.68 21.83 13.22
C ASP B 132 -5.00 23.13 13.57
N VAL B 133 -5.19 23.56 14.81
CA VAL B 133 -4.54 24.76 15.32
C VAL B 133 -3.14 24.39 15.82
N TYR B 134 -3.05 23.43 16.74
CA TYR B 134 -1.81 23.31 17.50
C TYR B 134 -0.79 22.27 16.95
N ASP B 135 -1.22 21.34 16.11
CA ASP B 135 -0.34 20.24 15.56
C ASP B 135 0.31 20.77 14.30
N TRP B 136 -0.42 20.88 13.22
CA TRP B 136 0.10 21.38 11.96
C TRP B 136 -0.34 22.79 11.66
N GLY B 137 -1.15 23.36 12.54
CA GLY B 137 -1.63 24.80 12.34
C GLY B 137 -0.48 25.75 12.61
N GLY B 138 -0.55 26.95 12.08
CA GLY B 138 0.48 27.91 12.26
C GLY B 138 0.77 28.67 11.00
N ALA B 139 1.47 29.80 11.09
CA ALA B 139 1.73 30.64 9.91
C ALA B 139 3.20 30.84 9.61
N ILE B 140 4.09 30.23 10.42
CA ILE B 140 5.52 30.46 10.23
C ILE B 140 6.09 29.80 8.96
N GLY B 141 7.05 30.45 8.32
CA GLY B 141 7.80 29.91 7.21
C GLY B 141 8.74 28.83 7.70
N GLY B 142 9.30 28.08 6.75
CA GLY B 142 10.24 27.04 7.03
C GLY B 142 9.52 25.82 7.51
N ALA B 143 10.09 25.12 8.48
CA ALA B 143 9.42 24.00 9.08
C ALA B 143 9.51 24.13 10.56
N LYS B 144 8.39 24.35 11.25
CA LYS B 144 8.36 24.55 12.68
C LYS B 144 8.92 23.35 13.38
N TYR B 145 8.53 22.15 12.92
CA TYR B 145 9.05 20.90 13.43
C TYR B 145 8.62 19.76 12.49
N GLN B 146 9.32 18.64 12.52
CA GLN B 146 8.85 17.44 11.81
C GLN B 146 7.86 16.78 12.78
N ASP B 147 7.08 15.81 12.33
CA ASP B 147 6.10 15.15 13.15
C ASP B 147 6.49 13.64 13.29
N ARG B 148 5.94 12.76 12.46
CA ARG B 148 6.41 11.41 12.31
C ARG B 148 7.41 11.45 11.16
N GLN B 149 8.64 10.97 11.37
CA GLN B 149 9.71 11.25 10.37
C GLN B 149 10.53 10.12 10.11
N SER B 150 10.77 9.84 8.84
CA SER B 150 11.77 8.76 8.51
C SER B 150 13.20 9.26 8.63
N ASN B 151 14.17 8.36 8.69
CA ASN B 151 15.61 8.71 8.64
C ASN B 151 16.05 9.38 9.91
N THR B 152 15.64 8.77 11.01
CA THR B 152 15.71 9.33 12.32
C THR B 152 16.38 8.35 13.24
N ILE B 153 17.35 8.83 14.01
CA ILE B 153 17.80 8.09 15.18
C ILE B 153 17.29 8.84 16.45
N ARG B 154 16.77 8.07 17.39
CA ARG B 154 16.18 8.58 18.57
C ARG B 154 16.50 7.72 19.78
N TRP B 155 16.89 8.39 20.86
CA TRP B 155 17.26 7.77 22.10
C TRP B 155 16.20 8.14 23.08
N ASP B 156 15.70 7.17 23.82
CA ASP B 156 14.77 7.39 24.92
C ASP B 156 15.49 6.94 26.20
N SER B 157 15.87 7.90 27.09
CA SER B 157 16.53 7.54 28.32
C SER B 157 15.59 6.73 29.20
N PRO B 158 16.14 6.00 30.17
CA PRO B 158 15.27 5.51 31.26
C PRO B 158 14.74 6.66 32.15
N MET B 159 13.93 6.26 33.12
CA MET B 159 13.40 7.14 34.12
C MET B 159 14.43 7.22 35.26
N TYR B 160 15.28 8.23 35.25
CA TYR B 160 16.31 8.33 36.27
C TYR B 160 15.70 8.75 37.62
N ALA B 161 16.15 8.07 38.69
CA ALA B 161 15.59 8.18 40.03
C ALA B 161 14.04 8.28 40.03
N ASP B 162 13.37 7.48 39.18
CA ASP B 162 11.90 7.48 39.09
C ASP B 162 11.22 8.80 38.69
N LYS B 163 11.99 9.80 38.28
CA LYS B 163 11.52 11.19 38.20
C LYS B 163 11.82 11.85 36.84
N PHE B 164 13.02 11.62 36.32
CA PHE B 164 13.56 12.32 35.22
C PHE B 164 13.90 11.42 33.97
N SER B 165 13.55 11.92 32.80
CA SER B 165 13.85 11.27 31.54
C SER B 165 14.02 12.24 30.44
N ILE B 166 14.77 11.80 29.46
CA ILE B 166 15.10 12.56 28.27
C ILE B 166 14.74 11.79 26.96
N ASP B 167 14.33 12.52 25.96
CA ASP B 167 14.08 12.01 24.61
C ASP B 167 14.94 12.85 23.68
N ALA B 168 15.79 12.23 22.84
CA ALA B 168 16.65 13.01 21.96
C ALA B 168 16.78 12.34 20.59
N ALA B 169 16.81 13.17 19.55
CA ALA B 169 16.83 12.63 18.23
C ALA B 169 17.44 13.61 17.25
N VAL B 170 17.98 13.00 16.14
CA VAL B 170 18.40 13.72 14.94
C VAL B 170 18.00 12.93 13.69
N GLY B 171 17.88 13.60 12.57
CA GLY B 171 17.57 12.88 11.34
C GLY B 171 17.56 13.73 10.08
N ALA B 172 17.31 13.06 8.97
CA ALA B 172 17.28 13.75 7.71
C ALA B 172 15.92 14.45 7.53
N GLY B 173 15.89 15.43 6.65
CA GLY B 173 14.65 16.07 6.30
C GLY B 173 13.85 15.42 5.17
N ASP B 174 12.70 16.06 4.88
CA ASP B 174 11.69 15.54 4.02
C ASP B 174 12.35 15.43 2.60
N LYS B 175 13.11 16.44 2.16
CA LYS B 175 13.81 16.36 0.85
C LYS B 175 15.00 15.42 0.76
N ALA B 176 15.83 15.45 1.81
CA ALA B 176 17.01 14.58 1.98
C ALA B 176 16.59 13.14 1.82
N GLY B 177 15.48 12.77 2.43
CA GLY B 177 14.96 11.39 2.42
C GLY B 177 14.63 10.73 1.05
N LEU B 178 14.59 11.61 0.02
CA LEU B 178 14.49 11.34 -1.39
C LEU B 178 15.71 11.76 -2.21
N GLY B 179 16.83 12.12 -1.61
CA GLY B 179 18.01 12.50 -2.41
C GLY B 179 17.90 13.81 -3.17
N ALA B 180 17.00 14.65 -2.65
CA ALA B 180 16.63 15.90 -3.31
C ALA B 180 17.00 17.15 -2.54
N GLY B 181 17.71 17.01 -1.41
CA GLY B 181 18.17 18.15 -0.61
C GLY B 181 19.04 17.72 0.54
N ASP B 182 19.50 18.70 1.31
CA ASP B 182 20.37 18.48 2.49
C ASP B 182 19.76 19.10 3.80
N ASP B 183 18.41 19.06 3.88
CA ASP B 183 17.71 19.39 5.11
C ASP B 183 17.91 18.32 6.21
N TYR B 184 17.95 18.82 7.44
CA TYR B 184 18.11 17.96 8.61
C TYR B 184 17.57 18.72 9.81
N TRP B 185 17.48 17.97 10.90
CA TRP B 185 16.97 18.48 12.12
C TRP B 185 17.54 17.73 13.31
N GLY B 186 17.39 18.37 14.47
CA GLY B 186 17.63 17.68 15.73
C GLY B 186 16.73 18.25 16.77
N GLY B 187 16.53 17.48 17.83
CA GLY B 187 15.73 17.95 18.96
C GLY B 187 15.80 17.07 20.21
N ILE B 188 15.22 17.59 21.27
CA ILE B 188 15.30 16.99 22.57
C ILE B 188 14.11 17.42 23.45
N ALA B 189 13.77 16.55 24.41
CA ALA B 189 12.71 16.82 25.34
C ALA B 189 13.07 16.19 26.67
N ALA B 190 12.52 16.76 27.74
CA ALA B 190 12.73 16.31 29.07
C ALA B 190 11.46 16.39 29.88
N HIS B 191 11.39 15.57 30.95
CA HIS B 191 10.17 15.33 31.73
C HIS B 191 10.51 15.10 33.15
N TYR B 192 9.85 15.79 34.07
CA TYR B 192 10.23 15.76 35.48
C TYR B 192 8.95 15.53 36.26
N LYS B 193 8.92 14.43 36.99
CA LYS B 193 7.75 13.98 37.74
C LYS B 193 7.92 14.59 39.06
N LEU B 194 6.81 14.95 39.69
CA LEU B 194 6.87 15.87 40.86
C LEU B 194 5.50 15.94 41.59
N GLY B 195 5.38 15.18 42.66
CA GLY B 195 4.11 14.84 43.27
C GLY B 195 3.11 14.43 42.21
N PRO B 196 2.02 15.18 42.09
CA PRO B 196 1.01 14.93 41.03
C PRO B 196 1.24 15.58 39.68
N LEU B 197 2.41 16.14 39.43
CA LEU B 197 2.62 16.87 38.21
C LEU B 197 3.75 16.30 37.47
N GLN B 198 3.78 16.57 36.17
CA GLN B 198 4.92 16.35 35.40
C GLN B 198 5.16 17.65 34.62
N LEU B 199 6.44 18.01 34.56
CA LEU B 199 6.91 19.14 33.78
C LEU B 199 7.60 18.66 32.51
N ASP B 200 7.27 19.33 31.40
CA ASP B 200 7.82 19.04 30.12
C ASP B 200 8.50 20.28 29.57
N ALA B 201 9.62 20.01 28.89
CA ALA B 201 10.27 20.97 28.01
C ALA B 201 10.73 20.29 26.74
N ALA B 202 10.75 21.05 25.64
CA ALA B 202 11.31 20.53 24.41
C ALA B 202 11.77 21.58 23.45
N TYR B 203 12.64 21.11 22.54
CA TYR B 203 13.30 21.89 21.52
C TYR B 203 13.36 21.15 20.21
N GLU B 204 13.25 21.86 19.11
CA GLU B 204 13.62 21.32 17.79
C GLU B 204 14.23 22.37 16.88
N GLY B 205 15.33 22.01 16.22
CA GLY B 205 16.01 22.82 15.25
C GLY B 205 16.02 22.12 13.89
N ASN B 206 15.58 22.85 12.89
CA ASN B 206 15.50 22.37 11.51
C ASN B 206 16.40 23.29 10.69
N ARG B 207 17.18 22.67 9.80
CA ARG B 207 18.20 23.35 9.05
C ARG B 207 18.07 22.94 7.59
N ASN B 208 18.46 23.85 6.71
CA ASN B 208 18.45 23.77 5.25
C ASN B 208 17.08 23.44 4.66
N ILE B 209 16.04 24.03 5.21
CA ILE B 209 14.72 23.87 4.74
C ILE B 209 14.58 24.81 3.58
N GLU B 210 14.18 24.29 2.41
CA GLU B 210 13.93 25.11 1.25
C GLU B 210 12.40 25.29 1.09
N ALA B 211 11.98 26.50 0.79
CA ALA B 211 10.60 26.90 0.67
C ALA B 211 10.59 28.39 0.34
N GLU B 212 9.67 28.79 -0.52
CA GLU B 212 9.47 30.18 -0.87
C GLU B 212 10.70 30.88 -1.46
N GLY B 213 11.58 30.16 -2.12
CA GLY B 213 12.70 30.77 -2.83
C GLY B 213 13.87 31.01 -1.92
N GLN B 214 13.90 30.32 -0.79
CA GLN B 214 14.84 30.67 0.28
C GLN B 214 15.15 29.41 1.06
N THR B 215 16.26 29.44 1.78
CA THR B 215 16.64 28.41 2.73
C THR B 215 16.35 28.96 4.13
N TRP B 216 15.84 28.12 4.99
CA TRP B 216 15.40 28.52 6.33
C TRP B 216 16.07 27.72 7.38
N GLU B 217 16.26 28.38 8.53
CA GLU B 217 16.46 27.72 9.80
C GLU B 217 15.30 28.00 10.75
N ASN B 218 14.88 26.99 11.48
CA ASN B 218 13.75 27.10 12.42
C ASN B 218 14.26 26.65 13.78
N ASN B 219 13.77 27.28 14.81
CA ASN B 219 13.98 26.82 16.15
C ASN B 219 12.67 26.90 16.89
N THR B 220 12.29 25.82 17.60
CA THR B 220 10.99 25.77 18.27
C THR B 220 11.22 25.27 19.69
N TYR B 221 10.59 25.98 20.66
CA TYR B 221 10.74 25.75 22.08
C TYR B 221 9.36 25.58 22.67
N LEU B 222 9.30 24.70 23.67
CA LEU B 222 8.06 24.41 24.35
C LEU B 222 8.22 24.07 25.80
N VAL B 223 7.25 24.51 26.61
CA VAL B 223 7.19 24.22 28.04
C VAL B 223 5.76 23.86 28.37
N GLY B 224 5.59 22.86 29.24
CA GLY B 224 4.27 22.53 29.69
C GLY B 224 4.21 21.78 30.99
N VAL B 225 2.99 21.57 31.42
CA VAL B 225 2.75 20.92 32.66
C VAL B 225 1.55 19.99 32.51
N GLN B 226 1.48 18.98 33.37
CA GLN B 226 0.40 18.01 33.37
C GLN B 226 0.16 17.51 34.74
N GLY B 227 -1.09 17.32 35.10
CA GLY B 227 -1.37 16.93 36.46
C GLY B 227 -2.58 16.08 36.54
N TRP B 228 -2.57 15.19 37.55
CA TRP B 228 -3.62 14.21 37.84
C TRP B 228 -3.77 14.29 39.33
N PHE B 229 -4.99 14.45 39.80
CA PHE B 229 -5.27 14.47 41.19
C PHE B 229 -6.24 13.39 41.58
N GLU B 230 -6.13 12.93 42.82
CA GLU B 230 -6.94 11.86 43.35
C GLU B 230 -8.44 12.09 43.29
N ASN B 231 -8.89 13.34 43.30
CA ASN B 231 -10.30 13.66 43.13
C ASN B 231 -10.87 13.42 41.72
N GLY B 232 -10.05 13.04 40.73
CA GLY B 232 -10.52 12.78 39.36
C GLY B 232 -10.31 13.91 38.35
N ILE B 233 -9.88 15.07 38.81
CA ILE B 233 -9.40 16.13 37.92
C ILE B 233 -7.98 15.84 37.47
N SER B 234 -7.78 16.14 36.20
CA SER B 234 -6.46 16.21 35.63
C SER B 234 -6.52 17.30 34.57
N PHE B 235 -5.38 17.71 34.08
CA PHE B 235 -5.31 18.78 33.12
C PHE B 235 -3.96 18.77 32.40
N PHE B 236 -3.82 19.63 31.41
CA PHE B 236 -2.51 19.97 30.90
C PHE B 236 -2.53 21.43 30.38
N ALA B 237 -1.33 21.99 30.22
CA ALA B 237 -1.12 23.27 29.53
C ALA B 237 0.33 23.38 28.97
N GLN B 238 0.45 24.11 27.85
CA GLN B 238 1.67 24.30 27.19
C GLN B 238 1.72 25.60 26.49
N TYR B 239 2.97 26.06 26.36
CA TYR B 239 3.36 27.29 25.68
C TYR B 239 4.44 26.89 24.69
N LYS B 240 4.33 27.42 23.46
CA LYS B 240 5.16 26.98 22.36
C LYS B 240 5.62 28.22 21.63
N TYR B 241 6.94 28.34 21.47
CA TYR B 241 7.52 29.50 20.86
C TYR B 241 8.21 29.06 19.60
N MET B 242 7.84 29.66 18.47
CA MET B 242 8.43 29.34 17.17
C MET B 242 9.16 30.51 16.48
N GLU B 243 10.43 30.31 16.15
CA GLU B 243 11.25 31.29 15.44
C GLU B 243 11.75 30.70 14.12
N ALA B 244 11.83 31.53 13.10
CA ALA B 244 12.46 31.14 11.84
C ALA B 244 13.31 32.24 11.23
N ASP B 245 14.35 31.87 10.50
CA ASP B 245 15.15 32.80 9.73
C ASP B 245 15.37 32.33 8.30
N ALA B 246 15.22 33.23 7.32
CA ALA B 246 15.47 32.92 5.92
C ALA B 246 16.84 33.37 5.45
N SER B 247 17.35 32.75 4.39
CA SER B 247 18.61 33.17 3.80
C SER B 247 18.68 34.63 3.29
N ASN B 248 17.56 35.28 3.02
CA ASN B 248 17.55 36.69 2.68
C ASN B 248 17.48 37.68 3.88
N GLY B 249 17.56 37.19 5.11
CA GLY B 249 17.58 38.07 6.27
C GLY B 249 16.26 38.23 7.03
N VAL B 250 15.16 37.78 6.45
CA VAL B 250 13.85 37.87 7.10
C VAL B 250 13.82 37.00 8.35
N ASN B 251 13.23 37.55 9.41
CA ASN B 251 13.02 36.85 10.69
C ASN B 251 11.51 36.74 10.92
N GLU B 252 11.10 35.66 11.54
CA GLU B 252 9.67 35.43 11.83
C GLU B 252 9.59 34.76 13.18
N LYS B 253 8.56 35.17 13.93
CA LYS B 253 8.25 34.62 15.24
C LYS B 253 6.73 34.42 15.34
N GLN B 254 6.34 33.33 15.98
CA GLN B 254 4.97 33.18 16.35
C GLN B 254 4.92 32.28 17.54
N ASP B 255 4.00 32.53 18.45
CA ASP B 255 3.83 31.63 19.59
C ASP B 255 2.43 31.08 19.69
N ALA B 256 2.22 30.21 20.65
CA ALA B 256 0.99 29.46 20.75
C ALA B 256 0.82 28.80 22.11
N MET B 257 -0.40 28.36 22.39
CA MET B 257 -0.66 27.62 23.62
C MET B 257 -1.73 26.56 23.37
N SER B 258 -1.83 25.65 24.33
CA SER B 258 -2.89 24.70 24.37
C SER B 258 -3.08 24.23 25.74
N ALA B 259 -4.34 24.09 26.16
CA ALA B 259 -4.69 23.59 27.51
C ALA B 259 -5.96 22.69 27.49
N GLY B 260 -6.00 21.80 28.47
CA GLY B 260 -7.14 20.88 28.65
C GLY B 260 -7.43 20.60 30.10
N LEU B 261 -8.73 20.40 30.37
CA LEU B 261 -9.24 20.10 31.68
C LEU B 261 -10.09 18.82 31.55
N MET B 262 -9.95 17.93 32.52
CA MET B 262 -10.65 16.66 32.48
C MET B 262 -11.18 16.30 33.81
N TYR B 263 -12.36 15.69 33.83
CA TYR B 263 -12.87 15.12 35.06
C TYR B 263 -13.24 13.66 34.79
N THR B 264 -12.63 12.76 35.53
CA THR B 264 -12.82 11.36 35.37
C THR B 264 -13.56 10.86 36.58
N THR B 265 -14.75 10.28 36.35
CA THR B 265 -15.53 9.66 37.40
C THR B 265 -16.21 8.37 36.93
N GLY B 266 -15.93 7.28 37.64
CA GLY B 266 -16.52 5.99 37.31
C GLY B 266 -16.08 5.64 35.92
N ASP B 267 -17.04 5.36 35.03
CA ASP B 267 -16.70 4.95 33.61
C ASP B 267 -16.67 6.13 32.61
N TRP B 268 -16.60 7.36 33.10
CA TRP B 268 -16.78 8.55 32.24
C TRP B 268 -15.61 9.46 32.33
N GLN B 269 -15.40 10.22 31.29
CA GLN B 269 -14.47 11.31 31.36
C GLN B 269 -14.95 12.46 30.50
N TYR B 270 -15.09 13.64 31.13
CA TYR B 270 -15.50 14.86 30.44
C TYR B 270 -14.23 15.62 30.15
N LYS B 271 -14.22 16.42 29.09
CA LYS B 271 -13.01 17.09 28.70
C LYS B 271 -13.31 18.36 27.93
N LEU B 272 -12.60 19.40 28.28
CA LEU B 272 -12.65 20.66 27.55
C LEU B 272 -11.26 20.99 27.09
N GLY B 273 -11.11 21.46 25.89
CA GLY B 273 -9.81 21.89 25.39
C GLY B 273 -9.86 23.23 24.69
N TYR B 274 -8.74 23.92 24.73
CA TYR B 274 -8.59 25.22 24.07
C TYR B 274 -7.13 25.29 23.55
N ALA B 275 -6.94 25.80 22.33
CA ALA B 275 -5.63 26.10 21.84
C ALA B 275 -5.69 27.28 20.89
N ALA B 276 -4.55 27.96 20.74
CA ALA B 276 -4.47 29.25 20.04
C ALA B 276 -3.08 29.45 19.46
N ASN B 277 -3.06 30.07 18.30
CA ASN B 277 -1.86 30.61 17.73
C ASN B 277 -2.07 32.07 17.74
N PHE B 278 -1.08 32.79 18.20
CA PHE B 278 -1.18 34.21 18.23
C PHE B 278 -0.71 34.81 16.93
N ASP B 279 -0.98 36.11 16.72
CA ASP B 279 -0.58 36.84 15.50
C ASP B 279 0.93 36.66 15.27
N LEU B 280 1.29 36.55 14.00
CA LEU B 280 2.65 36.25 13.63
C LEU B 280 3.33 37.54 13.56
N GLU B 281 4.63 37.51 13.84
CA GLU B 281 5.47 38.68 13.67
C GLU B 281 6.57 38.38 12.59
N ARG B 282 6.78 39.35 11.69
CA ARG B 282 7.78 39.26 10.65
C ARG B 282 8.62 40.52 10.62
N ASP B 283 9.92 40.36 10.80
CA ASP B 283 10.91 41.47 10.85
C ASP B 283 10.41 42.50 11.83
N GLY B 284 9.97 42.02 13.00
CA GLY B 284 9.54 42.90 14.08
C GLY B 284 8.11 43.39 14.02
N LYS B 285 7.47 43.37 12.84
CA LYS B 285 6.09 43.88 12.68
C LYS B 285 5.08 42.73 12.83
N THR B 286 4.00 42.98 13.57
CA THR B 286 2.87 42.03 13.66
C THR B 286 1.99 42.08 12.41
N LEU B 287 1.60 40.90 11.94
CA LEU B 287 0.66 40.76 10.84
C LEU B 287 -0.73 40.51 11.44
N SER B 288 -1.68 41.39 11.13
CA SER B 288 -2.98 41.32 11.80
C SER B 288 -3.73 40.16 11.21
N ASN B 289 -4.52 39.58 12.10
CA ASN B 289 -5.41 38.47 11.79
C ASN B 289 -4.73 37.24 11.26
N THR B 290 -3.55 37.00 11.73
CA THR B 290 -2.85 35.79 11.39
C THR B 290 -2.90 34.82 12.56
N SER B 291 -3.88 34.93 13.46
CA SER B 291 -4.02 34.03 14.63
C SER B 291 -5.10 32.98 14.35
N ASP B 292 -5.15 31.93 15.18
CA ASP B 292 -6.13 30.81 15.05
C ASP B 292 -6.56 30.40 16.41
N ASP B 293 -7.82 30.03 16.59
CA ASP B 293 -8.13 29.35 17.83
C ASP B 293 -9.17 28.27 17.69
N VAL B 294 -9.28 27.46 18.72
CA VAL B 294 -10.15 26.35 18.72
C VAL B 294 -10.58 26.00 20.12
N VAL B 295 -11.90 25.79 20.25
CA VAL B 295 -12.50 25.27 21.49
C VAL B 295 -13.26 23.95 21.24
N SER B 296 -13.18 23.06 22.21
CA SER B 296 -13.62 21.71 22.03
C SER B 296 -14.18 21.10 23.29
N ALA B 297 -15.17 20.24 23.16
CA ALA B 297 -15.70 19.57 24.30
C ALA B 297 -15.83 18.06 24.05
N GLN B 298 -15.71 17.23 25.06
CA GLN B 298 -15.87 15.83 24.76
C GLN B 298 -16.34 15.02 25.92
N ILE B 299 -17.13 13.99 25.61
CA ILE B 299 -17.46 13.02 26.62
C ILE B 299 -17.10 11.66 26.12
N MET B 300 -16.54 10.88 27.01
CA MET B 300 -15.98 9.59 26.69
C MET B 300 -16.43 8.54 27.68
N TYR B 301 -16.72 7.33 27.21
CA TYR B 301 -17.25 6.27 28.06
C TYR B 301 -16.30 5.05 27.97
N PHE B 302 -15.84 4.59 29.13
CA PHE B 302 -14.96 3.44 29.21
C PHE B 302 -15.75 2.18 29.08
N VAL B 303 -16.06 1.88 27.84
CA VAL B 303 -17.00 0.82 27.47
C VAL B 303 -16.46 -0.59 27.66
N ASP B 304 -15.15 -0.72 27.71
CA ASP B 304 -14.50 -2.03 28.01
C ASP B 304 -13.10 -1.71 28.49
N PRO B 305 -12.42 -2.61 29.24
CA PRO B 305 -10.99 -2.34 29.46
C PRO B 305 -10.19 -2.05 28.14
N SER B 306 -10.62 -2.62 27.01
CA SER B 306 -9.93 -2.50 25.74
C SER B 306 -10.49 -1.48 24.74
N ALA B 307 -11.43 -0.61 25.17
CA ALA B 307 -12.15 0.22 24.24
C ALA B 307 -12.92 1.39 24.89
N VAL B 308 -13.18 2.42 24.09
CA VAL B 308 -13.93 3.58 24.48
C VAL B 308 -14.85 4.01 23.37
N LEU B 309 -16.00 4.62 23.77
CA LEU B 309 -16.88 5.39 22.90
C LEU B 309 -16.77 6.87 23.28
N TYR B 310 -17.01 7.78 22.35
CA TYR B 310 -16.86 9.18 22.65
C TYR B 310 -17.70 10.04 21.72
N ALA B 311 -18.08 11.20 22.19
CA ALA B 311 -18.82 12.20 21.38
C ALA B 311 -18.09 13.49 21.57
N ARG B 312 -18.04 14.31 20.53
CA ARG B 312 -17.20 15.45 20.61
C ARG B 312 -17.70 16.58 19.76
N ALA B 313 -17.56 17.79 20.23
CA ALA B 313 -17.97 19.01 19.46
C ALA B 313 -16.83 20.01 19.53
N ARG B 314 -16.55 20.66 18.41
CA ARG B 314 -15.52 21.68 18.40
C ARG B 314 -15.80 22.80 17.35
N MET B 315 -15.12 23.93 17.56
CA MET B 315 -15.26 25.16 16.81
C MET B 315 -13.86 25.69 16.54
N ASN B 316 -13.46 25.69 15.25
CA ASN B 316 -12.18 26.23 14.79
C ASN B 316 -12.39 27.56 14.14
N ASP B 317 -11.75 28.57 14.67
CA ASP B 317 -11.65 29.85 14.04
C ASP B 317 -10.22 30.12 13.60
N PHE B 318 -10.01 30.07 12.28
CA PHE B 318 -8.73 30.23 11.68
C PHE B 318 -8.58 31.64 11.11
N ASN B 319 -7.30 31.88 10.85
CA ASN B 319 -6.73 33.12 10.35
C ASN B 319 -7.25 33.44 9.02
N GLU B 320 -7.04 34.66 8.62
CA GLU B 320 -7.58 35.20 7.37
C GLU B 320 -6.60 35.25 6.20
N GLY B 321 -5.37 34.79 6.37
CA GLY B 321 -4.44 34.68 5.27
C GLY B 321 -3.16 35.48 5.38
N LEU B 322 -2.08 34.93 4.78
CA LEU B 322 -0.82 35.63 4.59
C LEU B 322 -0.04 35.17 3.39
N ASP B 323 0.83 36.06 2.91
CA ASP B 323 1.77 35.76 1.82
C ASP B 323 3.11 35.33 2.43
N GLY B 324 3.73 34.33 1.83
CA GLY B 324 5.09 33.98 2.09
C GLY B 324 6.05 34.91 1.39
N LEU B 325 7.34 34.61 1.43
CA LEU B 325 8.37 35.53 0.95
C LEU B 325 8.58 35.49 -0.55
N ASP B 326 7.67 34.90 -1.30
CA ASP B 326 7.73 34.89 -2.76
C ASP B 326 6.49 35.58 -3.37
N ASP B 327 5.79 36.37 -2.54
CA ASP B 327 4.50 37.01 -2.86
C ASP B 327 3.33 36.05 -3.18
N ALA B 328 3.39 34.79 -2.76
CA ALA B 328 2.29 33.82 -2.96
C ALA B 328 1.64 33.47 -1.61
N ALA B 329 0.35 33.28 -1.58
CA ALA B 329 -0.29 32.85 -0.36
C ALA B 329 0.48 31.68 0.24
N ARG B 330 0.65 31.71 1.56
CA ARG B 330 1.32 30.63 2.27
C ARG B 330 0.23 29.74 2.81
N TRP B 331 0.34 28.48 2.52
CA TRP B 331 -0.65 27.50 2.98
C TRP B 331 -0.62 27.43 4.48
N THR B 332 -1.80 27.53 5.11
CA THR B 332 -2.00 27.24 6.55
C THR B 332 -3.22 26.30 6.68
N SER B 333 -3.40 25.72 7.88
CA SER B 333 -4.62 24.99 8.24
C SER B 333 -5.86 25.83 8.13
N GLY B 334 -5.71 27.12 7.88
CA GLY B 334 -6.89 27.94 7.71
C GLY B 334 -7.27 28.18 6.31
N THR B 335 -6.40 27.83 5.37
CA THR B 335 -6.65 28.08 3.93
C THR B 335 -8.02 27.56 3.45
N ASN B 336 -8.42 26.38 3.87
CA ASN B 336 -9.77 25.87 3.58
C ASN B 336 -10.98 26.54 4.29
N GLY B 337 -10.74 27.16 5.43
CA GLY B 337 -11.74 27.97 6.10
C GLY B 337 -12.18 27.54 7.47
N ASP B 338 -12.89 28.45 8.15
CA ASP B 338 -13.44 28.22 9.50
C ASP B 338 -14.41 27.03 9.37
N TYR B 339 -14.42 26.15 10.37
CA TYR B 339 -15.43 25.13 10.40
C TYR B 339 -15.73 24.67 11.79
N ASN B 340 -16.97 24.24 12.04
CA ASN B 340 -17.31 23.44 13.23
C ASN B 340 -17.46 21.92 12.94
N GLU B 341 -17.39 21.10 13.98
CA GLU B 341 -17.53 19.64 13.83
C GLU B 341 -18.12 18.91 15.02
N TYR B 342 -19.10 18.04 14.74
CA TYR B 342 -19.70 17.09 15.68
C TYR B 342 -19.27 15.69 15.19
N SER B 343 -18.86 14.85 16.14
CA SER B 343 -18.42 13.53 15.87
C SER B 343 -18.73 12.63 16.99
N VAL B 344 -18.83 11.32 16.70
CA VAL B 344 -18.84 10.23 17.68
C VAL B 344 -17.89 9.18 17.14
N GLY B 345 -17.34 8.37 18.06
CA GLY B 345 -16.29 7.49 17.71
C GLY B 345 -16.15 6.30 18.61
N VAL B 346 -15.38 5.33 18.13
CA VAL B 346 -14.98 4.20 18.93
C VAL B 346 -13.50 3.85 18.67
N GLU B 347 -12.79 3.37 19.71
CA GLU B 347 -11.38 2.95 19.60
C GLU B 347 -11.21 1.72 20.42
N TYR B 348 -10.47 0.72 19.85
CA TYR B 348 -10.29 -0.64 20.42
C TYR B 348 -8.88 -1.11 20.12
N TYR B 349 -8.18 -1.67 21.12
CA TYR B 349 -6.84 -2.08 20.98
C TYR B 349 -6.72 -3.59 21.22
N PHE B 350 -6.19 -4.32 20.22
CA PHE B 350 -5.90 -5.74 20.36
C PHE B 350 -4.43 -6.00 20.05
N ASP C 1 -16.86 -7.34 -7.54
CA ASP C 1 -15.81 -7.30 -8.60
C ASP C 1 -15.07 -8.64 -8.55
N GLY C 2 -14.18 -8.83 -9.51
CA GLY C 2 -13.29 -10.00 -9.52
C GLY C 2 -13.78 -11.24 -10.27
N ALA C 3 -12.89 -12.15 -10.59
CA ALA C 3 -13.24 -13.34 -11.39
C ALA C 3 -14.32 -14.19 -10.77
N ASN C 4 -14.41 -14.21 -9.43
CA ASN C 4 -15.42 -14.99 -8.69
C ASN C 4 -16.05 -14.31 -7.47
N SER C 5 -15.98 -12.97 -7.44
CA SER C 5 -16.54 -12.21 -6.32
C SER C 5 -15.99 -12.78 -5.00
N ASP C 6 -16.81 -12.78 -3.96
CA ASP C 6 -16.51 -13.36 -2.71
C ASP C 6 -17.07 -14.72 -2.54
N ALA C 7 -17.23 -15.44 -3.65
CA ALA C 7 -17.84 -16.80 -3.64
C ALA C 7 -17.04 -17.78 -2.79
N ALA C 8 -15.71 -17.65 -2.80
CA ALA C 8 -14.86 -18.50 -1.98
C ALA C 8 -15.22 -18.41 -0.52
N LYS C 9 -15.22 -17.18 0.03
CA LYS C 9 -15.67 -16.93 1.44
C LYS C 9 -17.04 -17.53 1.70
N GLU C 10 -17.99 -17.27 0.78
CA GLU C 10 -19.38 -17.65 1.03
C GLU C 10 -19.57 -19.14 1.00
N TYR C 11 -18.88 -19.85 0.13
CA TYR C 11 -19.18 -21.27 -0.10
C TYR C 11 -18.10 -22.29 0.32
N LEU C 12 -16.81 -21.96 0.23
CA LEU C 12 -15.74 -22.89 0.62
C LEU C 12 -15.48 -23.03 2.12
N THR C 13 -15.01 -24.20 2.54
CA THR C 13 -14.64 -24.44 3.92
C THR C 13 -13.34 -23.69 4.18
N LYS C 14 -13.37 -22.80 5.15
CA LYS C 14 -12.20 -21.95 5.49
C LYS C 14 -11.14 -22.89 6.06
N ASP C 15 -9.96 -22.93 5.41
CA ASP C 15 -8.89 -23.80 5.82
C ASP C 15 -8.07 -23.10 6.92
N SER C 16 -8.66 -23.04 8.10
CA SER C 16 -8.18 -22.18 9.15
C SER C 16 -6.83 -22.60 9.73
N PHE C 17 -6.15 -21.60 10.27
CA PHE C 17 -4.76 -21.65 10.70
C PHE C 17 -3.81 -22.40 9.73
N SER C 18 -4.02 -22.23 8.42
CA SER C 18 -3.17 -22.86 7.39
C SER C 18 -2.47 -21.75 6.61
N TYR C 19 -1.62 -21.05 7.34
CA TYR C 19 -0.80 -19.97 6.84
C TYR C 19 0.40 -19.69 7.80
N GLU C 20 1.35 -18.93 7.33
CA GLU C 20 2.48 -18.52 8.12
C GLU C 20 2.71 -17.06 7.78
N VAL C 21 2.97 -16.29 8.82
CA VAL C 21 3.42 -14.93 8.69
C VAL C 21 4.91 -15.01 8.89
N TYR C 22 5.67 -14.35 8.03
CA TYR C 22 7.12 -14.32 8.18
C TYR C 22 7.59 -12.91 7.92
N GLY C 23 8.82 -12.59 8.35
CA GLY C 23 9.45 -11.37 7.90
C GLY C 23 10.94 -11.31 7.93
N ILE C 24 11.46 -10.43 7.08
CA ILE C 24 12.88 -10.09 7.13
C ILE C 24 12.95 -8.65 7.61
N ILE C 25 13.55 -8.46 8.77
CA ILE C 25 13.80 -7.14 9.31
C ILE C 25 15.19 -6.73 8.92
N ALA C 26 15.28 -5.63 8.17
CA ALA C 26 16.51 -5.21 7.52
C ALA C 26 16.64 -3.72 7.47
N MET C 27 17.74 -3.22 8.01
CA MET C 27 18.03 -1.76 8.21
C MET C 27 19.53 -1.51 7.98
N GLN C 28 19.80 -0.59 7.09
CA GLN C 28 21.08 -0.23 6.69
C GLN C 28 21.17 1.28 6.91
N ALA C 29 22.10 1.75 7.75
CA ALA C 29 22.41 3.16 7.85
C ALA C 29 23.53 3.46 6.86
N ALA C 30 23.32 4.29 5.85
CA ALA C 30 24.25 4.41 4.75
C ALA C 30 24.56 5.83 4.45
N TYR C 31 25.84 6.19 4.36
CA TYR C 31 26.25 7.56 4.09
C TYR C 31 26.87 7.60 2.75
N ARG C 32 26.40 8.46 1.86
CA ARG C 32 27.01 8.59 0.56
C ARG C 32 27.67 9.90 0.29
N ASP C 33 28.76 9.85 -0.48
CA ASP C 33 29.54 11.04 -0.85
C ASP C 33 29.64 11.06 -2.35
N TYR C 34 28.96 12.02 -2.98
CA TYR C 34 28.85 12.12 -4.45
C TYR C 34 29.89 13.05 -4.99
N ASP C 35 30.31 12.81 -6.21
CA ASP C 35 31.21 13.69 -6.93
C ASP C 35 30.68 13.73 -8.36
N SER C 36 29.56 14.43 -8.53
CA SER C 36 28.82 14.50 -9.80
C SER C 36 29.37 15.57 -10.72
N GLY C 37 30.20 16.48 -10.21
CA GLY C 37 30.60 17.67 -10.96
C GLY C 37 29.70 18.87 -10.76
N ASP C 38 28.63 18.73 -9.98
CA ASP C 38 27.82 19.86 -9.47
C ASP C 38 27.68 19.74 -7.93
N ALA C 39 28.18 20.74 -7.18
CA ALA C 39 28.24 20.66 -5.69
C ALA C 39 26.86 20.61 -5.05
N LYS C 40 25.91 21.29 -5.67
CA LYS C 40 24.50 21.27 -5.22
C LYS C 40 23.90 19.86 -5.36
N GLN C 41 24.06 19.25 -6.54
CA GLN C 41 23.57 17.91 -6.75
C GLN C 41 24.20 16.94 -5.79
N ASP C 42 25.46 17.17 -5.45
CA ASP C 42 26.18 16.31 -4.50
C ASP C 42 25.65 16.33 -3.07
N ASP C 43 25.30 17.53 -2.60
CA ASP C 43 24.57 17.68 -1.34
C ASP C 43 23.17 17.07 -1.32
N ASN C 44 22.43 17.24 -2.41
CA ASN C 44 21.11 16.65 -2.45
C ASN C 44 21.20 15.15 -2.26
N LEU C 45 21.95 14.52 -3.16
CA LEU C 45 21.96 13.04 -3.26
C LEU C 45 22.74 12.36 -2.17
N GLY C 46 23.79 13.05 -1.73
CA GLY C 46 24.61 12.55 -0.66
C GLY C 46 24.07 12.93 0.68
N GLY C 47 24.72 12.36 1.68
CA GLY C 47 24.38 12.55 3.05
C GLY C 47 24.03 11.21 3.63
N MET C 48 23.50 11.22 4.84
CA MET C 48 23.14 10.01 5.56
C MET C 48 21.61 9.76 5.41
N GLN C 49 21.27 8.50 5.17
CA GLN C 49 19.91 8.02 5.20
C GLN C 49 19.83 6.65 5.84
N LEU C 50 18.62 6.27 6.20
CA LEU C 50 18.35 4.96 6.70
C LEU C 50 17.57 4.20 5.65
N ASN C 51 18.08 3.07 5.22
CA ASN C 51 17.51 2.27 4.18
C ASN C 51 16.83 1.08 4.84
N ASN C 52 15.52 1.25 5.08
CA ASN C 52 14.72 0.24 5.75
C ASN C 52 14.16 -0.70 4.66
N GLU C 53 14.74 -1.92 4.58
CA GLU C 53 14.27 -2.96 3.68
C GLU C 53 13.48 -4.02 4.41
N SER C 54 12.94 -3.69 5.57
CA SER C 54 12.12 -4.64 6.28
C SER C 54 10.85 -4.96 5.41
N ARG C 55 10.43 -6.23 5.44
CA ARG C 55 9.21 -6.67 4.84
C ARG C 55 8.53 -7.80 5.59
N ILE C 56 7.22 -7.81 5.45
CA ILE C 56 6.34 -8.90 5.96
C ILE C 56 5.76 -9.68 4.81
N GLY C 57 5.58 -10.96 5.03
CA GLY C 57 4.93 -11.82 4.03
C GLY C 57 4.13 -12.94 4.67
N PHE C 58 3.36 -13.58 3.77
CA PHE C 58 2.45 -14.66 4.06
C PHE C 58 2.66 -15.79 3.07
N ARG C 59 2.64 -17.03 3.58
CA ARG C 59 2.77 -18.19 2.72
C ARG C 59 2.14 -19.46 3.29
N GLY C 60 1.88 -20.44 2.38
CA GLY C 60 1.41 -21.71 2.82
C GLY C 60 1.40 -22.76 1.76
N LYS C 61 1.08 -23.95 2.23
CA LYS C 61 0.95 -25.09 1.39
C LYS C 61 -0.34 -25.81 1.68
N LYS C 62 -0.97 -26.37 0.66
CA LYS C 62 -2.12 -27.20 0.92
C LYS C 62 -2.13 -28.40 0.04
N GLN C 63 -2.35 -29.55 0.66
CA GLN C 63 -2.57 -30.80 -0.06
C GLN C 63 -4.06 -30.94 -0.32
N PHE C 64 -4.45 -30.72 -1.57
CA PHE C 64 -5.89 -30.79 -1.93
C PHE C 64 -6.35 -32.24 -2.01
N ALA C 65 -7.57 -32.50 -1.56
CA ALA C 65 -8.06 -33.89 -1.44
C ALA C 65 -8.09 -34.64 -2.76
N ASN C 66 -8.30 -33.92 -3.87
CA ASN C 66 -8.50 -34.53 -5.20
C ASN C 66 -7.45 -34.04 -6.21
N PHE C 67 -6.23 -33.74 -5.78
CA PHE C 67 -5.18 -33.34 -6.73
C PHE C 67 -3.83 -33.58 -6.07
N GLU C 68 -2.98 -34.39 -6.71
CA GLU C 68 -1.79 -34.92 -6.03
C GLU C 68 -0.73 -33.80 -5.84
N PRO C 69 -0.44 -32.97 -6.88
CA PRO C 69 0.55 -31.94 -6.68
C PRO C 69 0.10 -30.90 -5.65
N THR C 70 0.89 -30.82 -4.57
CA THR C 70 0.68 -29.90 -3.48
C THR C 70 0.58 -28.49 -4.01
N PHE C 71 -0.46 -27.77 -3.56
CA PHE C 71 -0.66 -26.35 -3.81
C PHE C 71 0.29 -25.54 -2.92
N ILE C 72 0.91 -24.51 -3.47
CA ILE C 72 1.76 -23.54 -2.72
C ILE C 72 1.43 -22.09 -3.10
N TRP C 73 1.57 -21.18 -2.15
CA TRP C 73 1.22 -19.75 -2.39
C TRP C 73 2.10 -18.89 -1.50
N GLN C 74 2.32 -17.67 -1.95
CA GLN C 74 2.99 -16.71 -1.14
C GLN C 74 2.57 -15.30 -1.56
N ILE C 75 2.52 -14.40 -0.57
CA ILE C 75 2.27 -12.96 -0.79
C ILE C 75 3.24 -12.18 0.11
N GLU C 76 4.12 -11.43 -0.54
CA GLU C 76 5.27 -10.79 0.14
C GLU C 76 5.26 -9.28 -0.10
N GLY C 77 5.33 -8.57 1.04
CA GLY C 77 5.28 -7.14 1.01
C GLY C 77 6.54 -6.52 0.46
N GLY C 78 6.44 -5.32 -0.03
CA GLY C 78 7.57 -4.53 -0.39
C GLY C 78 8.39 -4.05 0.82
N TYR C 79 9.54 -3.46 0.50
CA TYR C 79 10.36 -2.71 1.53
C TYR C 79 9.63 -1.51 2.06
N VAL C 80 9.63 -1.42 3.38
CA VAL C 80 8.78 -0.45 4.07
C VAL C 80 9.22 0.98 4.09
N ASP C 81 10.51 1.26 4.04
CA ASP C 81 11.01 2.68 4.01
C ASP C 81 12.47 2.71 3.54
N PRO C 82 12.66 2.31 2.28
CA PRO C 82 13.97 2.33 1.72
C PRO C 82 14.47 3.74 1.60
N SER C 83 15.77 3.90 1.48
CA SER C 83 16.38 5.19 1.20
C SER C 83 16.00 5.61 -0.17
N PHE C 84 16.00 6.91 -0.39
CA PHE C 84 15.64 7.51 -1.69
C PHE C 84 14.15 7.32 -2.01
N GLY C 85 13.36 6.89 -1.03
CA GLY C 85 11.93 6.67 -1.25
C GLY C 85 11.05 6.94 -0.07
N GLY C 86 9.83 7.28 -0.34
CA GLY C 86 8.84 7.50 0.68
C GLY C 86 8.53 6.28 1.51
N GLU C 87 7.80 6.48 2.58
CA GLU C 87 7.45 5.42 3.46
C GLU C 87 6.29 4.60 2.86
N GLY C 88 6.19 3.36 3.30
CA GLY C 88 5.05 2.52 3.01
C GLY C 88 5.18 1.60 1.81
N ALA C 89 4.72 0.37 2.03
CA ALA C 89 4.66 -0.66 1.00
C ALA C 89 3.46 -1.55 1.08
N GLY C 90 2.94 -1.92 -0.11
CA GLY C 90 1.81 -2.82 -0.21
C GLY C 90 2.21 -4.26 -0.17
N LEU C 91 1.21 -5.11 0.11
CA LEU C 91 1.35 -6.55 -0.03
C LEU C 91 1.34 -6.89 -1.51
N GLY C 92 2.26 -7.80 -1.90
CA GLY C 92 2.37 -8.25 -3.28
C GLY C 92 3.40 -7.45 -4.06
N GLU C 93 4.20 -6.62 -3.40
CA GLU C 93 5.20 -5.85 -4.15
C GLU C 93 6.40 -6.74 -4.46
N ARG C 94 6.66 -7.74 -3.63
CA ARG C 94 7.74 -8.69 -3.84
C ARG C 94 7.17 -10.09 -4.28
N ASP C 95 7.92 -11.18 -4.13
CA ASP C 95 7.59 -12.44 -4.76
C ASP C 95 6.30 -12.88 -4.22
N THR C 96 5.36 -13.02 -5.15
CA THR C 96 3.96 -13.18 -4.83
C THR C 96 3.36 -14.04 -5.91
N PHE C 97 2.91 -15.24 -5.52
CA PHE C 97 2.55 -16.23 -6.51
C PHE C 97 1.66 -17.36 -5.94
N VAL C 98 1.13 -18.16 -6.85
CA VAL C 98 0.60 -19.48 -6.53
C VAL C 98 1.36 -20.52 -7.36
N GLY C 99 1.24 -21.78 -6.98
CA GLY C 99 1.84 -22.82 -7.76
C GLY C 99 1.59 -24.22 -7.24
N PHE C 100 2.40 -25.17 -7.74
CA PHE C 100 2.18 -26.60 -7.48
C PHE C 100 3.49 -27.31 -7.44
N GLU C 101 3.54 -28.40 -6.68
CA GLU C 101 4.79 -29.11 -6.60
C GLU C 101 4.69 -30.64 -6.40
N SER C 102 5.62 -31.37 -7.00
CA SER C 102 5.68 -32.84 -6.99
C SER C 102 7.14 -33.24 -7.10
N ALA C 103 7.51 -34.28 -6.36
CA ALA C 103 8.94 -34.69 -6.26
C ALA C 103 9.51 -35.01 -7.65
N SER C 104 8.77 -35.76 -8.45
CA SER C 104 9.31 -36.14 -9.75
C SER C 104 9.58 -34.95 -10.69
N TRP C 105 8.81 -33.85 -10.65
CA TRP C 105 9.07 -32.73 -11.60
C TRP C 105 9.34 -31.37 -11.04
N GLY C 106 9.49 -31.28 -9.73
CA GLY C 106 9.86 -30.01 -9.12
C GLY C 106 8.67 -29.13 -8.73
N GLN C 107 8.66 -27.92 -9.25
CA GLN C 107 7.69 -26.93 -8.88
C GLN C 107 7.46 -25.91 -10.03
N VAL C 108 6.22 -25.50 -10.20
CA VAL C 108 5.79 -24.44 -11.10
C VAL C 108 5.07 -23.36 -10.26
N ARG C 109 5.43 -22.12 -10.53
CA ARG C 109 4.89 -20.92 -9.88
C ARG C 109 4.41 -20.00 -10.96
N LEU C 110 3.27 -19.40 -10.70
CA LEU C 110 2.67 -18.41 -11.56
C LEU C 110 2.43 -17.13 -10.75
N GLY C 111 2.89 -16.01 -11.31
CA GLY C 111 2.79 -14.75 -10.71
C GLY C 111 3.96 -13.83 -10.90
N ARG C 112 4.46 -13.36 -9.75
CA ARG C 112 5.56 -12.39 -9.70
C ARG C 112 6.71 -13.09 -9.01
N VAL C 113 7.77 -13.31 -9.78
CA VAL C 113 8.96 -14.01 -9.27
C VAL C 113 10.19 -13.43 -9.92
N LEU C 114 11.36 -13.91 -9.47
CA LEU C 114 12.57 -13.56 -10.21
C LEU C 114 12.73 -14.36 -11.56
N THR C 115 13.20 -13.70 -12.63
CA THR C 115 13.62 -14.40 -13.83
C THR C 115 14.88 -15.24 -13.51
N PRO C 116 15.16 -16.32 -14.27
CA PRO C 116 16.32 -17.20 -13.95
C PRO C 116 17.71 -16.53 -14.07
N MET C 117 17.84 -15.66 -15.06
CA MET C 117 18.97 -14.79 -15.22
C MET C 117 19.10 -13.86 -14.03
N TYR C 118 18.04 -13.10 -13.71
CA TYR C 118 18.12 -12.12 -12.63
C TYR C 118 18.49 -12.79 -11.33
N GLU C 119 17.97 -14.00 -11.05
CA GLU C 119 18.28 -14.60 -9.78
C GLU C 119 19.80 -14.76 -9.59
N LEU C 120 20.51 -15.22 -10.64
CA LEU C 120 21.98 -15.31 -10.55
C LEU C 120 22.73 -13.96 -10.55
N VAL C 121 22.26 -12.99 -11.37
CA VAL C 121 22.82 -11.65 -11.36
C VAL C 121 22.75 -11.05 -9.92
N ASP C 122 21.60 -11.17 -9.28
CA ASP C 122 21.32 -10.59 -7.97
C ASP C 122 22.15 -11.28 -6.92
N TRP C 123 22.02 -12.60 -6.80
CA TRP C 123 22.78 -13.41 -5.84
C TRP C 123 23.46 -14.59 -6.59
N PRO C 124 24.78 -14.75 -6.51
CA PRO C 124 25.70 -14.05 -5.60
C PRO C 124 26.33 -12.75 -6.08
N ALA C 125 26.08 -12.39 -7.34
CA ALA C 125 26.94 -11.49 -8.02
C ALA C 125 26.71 -9.99 -7.80
N SER C 126 25.70 -9.56 -6.99
CA SER C 126 25.47 -8.15 -6.73
C SER C 126 25.92 -7.78 -5.31
N ASN C 127 26.30 -8.77 -4.52
CA ASN C 127 26.66 -8.54 -3.13
C ASN C 127 28.19 -8.51 -2.93
N PRO C 128 28.73 -7.48 -2.28
CA PRO C 128 28.00 -6.42 -1.57
C PRO C 128 28.15 -5.01 -2.19
N GLY C 129 27.07 -4.35 -2.58
CA GLY C 129 27.12 -2.99 -3.16
C GLY C 129 27.42 -2.97 -4.66
N LEU C 130 27.36 -4.12 -5.28
CA LEU C 130 27.78 -4.20 -6.63
C LEU C 130 26.68 -3.93 -7.61
N GLY C 131 25.46 -3.86 -7.07
CA GLY C 131 24.26 -3.80 -7.88
C GLY C 131 24.23 -2.62 -8.79
N ASP C 132 24.69 -1.46 -8.39
CA ASP C 132 24.54 -0.26 -9.25
C ASP C 132 25.22 -0.45 -10.54
N VAL C 133 26.33 -1.21 -10.50
CA VAL C 133 27.11 -1.59 -11.71
C VAL C 133 26.48 -2.81 -12.33
N TYR C 134 26.33 -3.90 -11.56
CA TYR C 134 26.04 -5.22 -12.17
C TYR C 134 24.58 -5.70 -12.21
N ASP C 135 23.69 -5.10 -11.42
CA ASP C 135 22.26 -5.45 -11.38
C ASP C 135 21.54 -4.61 -12.42
N TRP C 136 21.34 -3.33 -12.18
CA TRP C 136 20.70 -2.41 -13.10
C TRP C 136 21.65 -1.45 -13.84
N GLY C 137 22.95 -1.52 -13.54
CA GLY C 137 23.92 -0.70 -14.25
C GLY C 137 24.09 -1.21 -15.65
N GLY C 138 24.63 -0.38 -16.53
CA GLY C 138 24.80 -0.77 -17.90
C GLY C 138 24.41 0.35 -18.84
N ALA C 139 24.78 0.27 -20.11
CA ALA C 139 24.50 1.33 -21.05
C ALA C 139 23.69 0.85 -22.26
N ILE C 140 23.35 -0.43 -22.30
CA ILE C 140 22.71 -0.96 -23.51
C ILE C 140 21.25 -0.48 -23.66
N GLY C 141 20.83 -0.24 -24.89
CA GLY C 141 19.44 0.05 -25.20
C GLY C 141 18.54 -1.15 -24.95
N GLY C 142 17.22 -0.91 -24.90
CA GLY C 142 16.25 -2.01 -24.81
C GLY C 142 16.12 -2.42 -23.39
N ALA C 143 15.92 -3.70 -23.10
CA ALA C 143 15.90 -4.22 -21.74
C ALA C 143 16.83 -5.41 -21.63
N LYS C 144 17.95 -5.25 -20.92
CA LYS C 144 18.96 -6.33 -20.85
C LYS C 144 18.32 -7.58 -20.25
N TYR C 145 17.51 -7.40 -19.24
CA TYR C 145 16.77 -8.48 -18.61
C TYR C 145 15.72 -7.86 -17.63
N GLN C 146 14.65 -8.60 -17.32
CA GLN C 146 13.70 -8.15 -16.28
C GLN C 146 14.36 -8.58 -14.95
N ASP C 147 13.83 -8.15 -13.82
CA ASP C 147 14.39 -8.58 -12.53
C ASP C 147 13.32 -9.40 -11.73
N ARG C 148 12.53 -8.73 -10.89
CA ARG C 148 11.36 -9.34 -10.28
C ARG C 148 10.29 -8.94 -11.28
N GLN C 149 9.49 -9.90 -11.76
CA GLN C 149 8.51 -9.60 -12.86
C GLN C 149 7.18 -10.25 -12.61
N SER C 150 6.11 -9.45 -12.69
CA SER C 150 4.77 -10.05 -12.69
C SER C 150 4.43 -10.73 -14.07
N ASN C 151 3.39 -11.56 -14.11
CA ASN C 151 2.88 -12.18 -15.36
C ASN C 151 3.84 -13.22 -15.92
N THR C 152 4.30 -14.08 -15.02
CA THR C 152 5.43 -14.93 -15.23
C THR C 152 5.00 -16.31 -14.83
N ILE C 153 5.31 -17.28 -15.69
CA ILE C 153 5.30 -18.67 -15.29
C ILE C 153 6.76 -19.16 -15.25
N ARG C 154 7.07 -19.91 -14.19
CA ARG C 154 8.39 -20.34 -13.95
C ARG C 154 8.36 -21.75 -13.36
N TRP C 155 9.25 -22.57 -13.91
CA TRP C 155 9.40 -23.95 -13.52
C TRP C 155 10.77 -24.06 -12.85
N ASP C 156 10.83 -24.66 -11.66
CA ASP C 156 12.10 -24.95 -10.99
C ASP C 156 12.25 -26.49 -10.94
N SER C 157 13.17 -27.05 -11.72
CA SER C 157 13.33 -28.50 -11.74
C SER C 157 13.78 -28.98 -10.38
N PRO C 158 13.59 -30.26 -10.08
CA PRO C 158 14.33 -30.83 -8.96
C PRO C 158 15.85 -30.89 -9.22
N MET C 159 16.54 -31.37 -8.20
CA MET C 159 17.99 -31.57 -8.25
C MET C 159 18.26 -32.97 -8.79
N TYR C 160 18.49 -33.11 -10.10
CA TYR C 160 18.60 -34.44 -10.72
C TYR C 160 19.95 -35.03 -10.33
N ALA C 161 19.91 -36.31 -9.95
CA ALA C 161 21.04 -37.03 -9.38
C ALA C 161 21.84 -36.18 -8.40
N ASP C 162 21.17 -35.42 -7.53
CA ASP C 162 21.84 -34.56 -6.51
C ASP C 162 22.77 -33.43 -7.02
N LYS C 163 22.78 -33.19 -8.32
CA LYS C 163 23.86 -32.42 -8.99
C LYS C 163 23.32 -31.31 -9.88
N PHE C 164 22.26 -31.62 -10.63
CA PHE C 164 21.85 -30.82 -11.75
C PHE C 164 20.40 -30.31 -11.61
N SER C 165 20.21 -29.02 -11.92
CA SER C 165 18.92 -28.40 -11.87
C SER C 165 18.81 -27.23 -12.83
N ILE C 166 17.56 -26.98 -13.23
CA ILE C 166 17.18 -26.04 -14.28
C ILE C 166 16.11 -25.10 -13.75
N ASP C 167 16.18 -23.86 -14.18
CA ASP C 167 15.19 -22.87 -13.86
C ASP C 167 14.76 -22.33 -15.24
N ALA C 168 13.45 -22.29 -15.51
CA ALA C 168 13.00 -21.78 -16.77
C ALA C 168 11.74 -20.97 -16.60
N ALA C 169 11.62 -19.91 -17.40
CA ALA C 169 10.47 -19.06 -17.28
C ALA C 169 10.17 -18.29 -18.57
N VAL C 170 8.88 -17.90 -18.72
CA VAL C 170 8.44 -16.95 -19.73
C VAL C 170 7.39 -16.03 -19.08
N GLY C 171 7.23 -14.86 -19.67
CA GLY C 171 6.22 -13.93 -19.18
C GLY C 171 5.98 -12.68 -20.02
N ALA C 172 5.05 -11.86 -19.53
CA ALA C 172 4.74 -10.61 -20.20
C ALA C 172 5.73 -9.55 -19.80
N GLY C 173 5.84 -8.52 -20.62
CA GLY C 173 6.66 -7.40 -20.29
C GLY C 173 5.96 -6.30 -19.50
N ASP C 174 6.76 -5.28 -19.20
CA ASP C 174 6.38 -4.23 -18.25
C ASP C 174 5.12 -3.50 -18.86
N LYS C 175 5.13 -3.21 -20.16
CA LYS C 175 3.97 -2.60 -20.83
C LYS C 175 2.76 -3.51 -21.04
N ALA C 176 3.02 -4.73 -21.49
CA ALA C 176 2.00 -5.78 -21.65
C ALA C 176 1.17 -5.94 -20.37
N GLY C 177 1.84 -5.93 -19.22
CA GLY C 177 1.19 -6.14 -17.91
C GLY C 177 0.09 -5.14 -17.51
N LEU C 178 0.06 -4.00 -18.25
CA LEU C 178 -0.87 -2.89 -18.23
C LEU C 178 -1.70 -2.75 -19.51
N GLY C 179 -1.67 -3.70 -20.43
CA GLY C 179 -2.47 -3.58 -21.67
C GLY C 179 -2.03 -2.50 -22.62
N ALA C 180 -0.76 -2.15 -22.52
CA ALA C 180 -0.18 -0.99 -23.25
C ALA C 180 0.88 -1.37 -24.27
N GLY C 181 1.15 -2.67 -24.43
CA GLY C 181 2.15 -3.18 -25.39
C GLY C 181 2.10 -4.69 -25.50
N ASP C 182 2.95 -5.23 -26.37
CA ASP C 182 3.11 -6.70 -26.58
C ASP C 182 4.58 -7.14 -26.36
N ASP C 183 5.27 -6.48 -25.41
CA ASP C 183 6.54 -6.97 -24.93
C ASP C 183 6.43 -8.30 -24.16
N TYR C 184 7.43 -9.15 -24.34
CA TYR C 184 7.50 -10.41 -23.64
C TYR C 184 8.96 -10.84 -23.57
N TRP C 185 9.18 -11.90 -22.80
CA TRP C 185 10.50 -12.41 -22.58
C TRP C 185 10.43 -13.90 -22.20
N GLY C 186 11.58 -14.56 -22.40
CA GLY C 186 11.79 -15.91 -21.87
C GLY C 186 13.22 -16.04 -21.45
N GLY C 187 13.47 -17.00 -20.57
CA GLY C 187 14.79 -17.31 -20.18
C GLY C 187 14.95 -18.58 -19.37
N ILE C 188 16.22 -18.95 -19.16
CA ILE C 188 16.55 -20.23 -18.58
C ILE C 188 17.95 -20.18 -17.91
N ALA C 189 18.12 -21.04 -16.91
CA ALA C 189 19.37 -21.13 -16.20
C ALA C 189 19.57 -22.55 -15.78
N ALA C 190 20.84 -22.93 -15.58
CA ALA C 190 21.22 -24.26 -15.16
C ALA C 190 22.40 -24.20 -14.17
N HIS C 191 22.53 -25.25 -13.35
CA HIS C 191 23.41 -25.28 -12.18
C HIS C 191 23.93 -26.68 -12.02
N TYR C 192 25.25 -26.83 -11.91
CA TYR C 192 25.82 -28.12 -11.83
C TYR C 192 26.76 -28.15 -10.60
N LYS C 193 26.47 -29.05 -9.67
CA LYS C 193 27.19 -29.18 -8.40
C LYS C 193 28.25 -30.13 -8.67
N LEU C 194 29.39 -29.92 -8.02
CA LEU C 194 30.63 -30.58 -8.47
C LEU C 194 31.72 -30.44 -7.40
N GLY C 195 31.90 -31.50 -6.59
CA GLY C 195 32.67 -31.42 -5.35
C GLY C 195 32.30 -30.16 -4.57
N PRO C 196 33.26 -29.24 -4.35
CA PRO C 196 33.01 -27.95 -3.72
C PRO C 196 32.54 -26.82 -4.61
N LEU C 197 32.18 -27.06 -5.87
CA LEU C 197 31.86 -25.97 -6.75
C LEU C 197 30.49 -26.13 -7.26
N GLN C 198 29.94 -25.04 -7.76
CA GLN C 198 28.77 -25.08 -8.57
C GLN C 198 29.03 -24.21 -9.79
N LEU C 199 28.63 -24.73 -10.94
CA LEU C 199 28.66 -24.01 -12.23
C LEU C 199 27.28 -23.50 -12.67
N ASP C 200 27.22 -22.25 -13.11
CA ASP C 200 26.00 -21.60 -13.49
C ASP C 200 26.12 -21.10 -14.92
N ALA C 201 25.01 -21.25 -15.64
CA ALA C 201 24.78 -20.61 -16.92
C ALA C 201 23.36 -20.07 -17.00
N ALA C 202 23.17 -18.96 -17.74
CA ALA C 202 21.86 -18.44 -17.98
C ALA C 202 21.73 -17.57 -19.20
N TYR C 203 20.47 -17.51 -19.67
CA TYR C 203 20.06 -16.78 -20.88
C TYR C 203 18.75 -16.02 -20.60
N GLU C 204 18.61 -14.82 -21.19
CA GLU C 204 17.29 -14.17 -21.26
C GLU C 204 17.12 -13.43 -22.59
N GLY C 205 15.96 -13.62 -23.22
CA GLY C 205 15.57 -12.92 -24.44
C GLY C 205 14.33 -12.10 -24.17
N ASN C 206 14.40 -10.83 -24.57
CA ASN C 206 13.35 -9.86 -24.43
C ASN C 206 12.99 -9.32 -25.81
N ARG C 207 11.69 -9.27 -26.06
CA ARG C 207 11.14 -9.00 -27.41
C ARG C 207 10.08 -7.92 -27.28
N ASN C 208 9.98 -7.11 -28.34
CA ASN C 208 9.07 -5.99 -28.51
C ASN C 208 9.19 -4.92 -27.45
N ILE C 209 10.40 -4.62 -27.05
CA ILE C 209 10.66 -3.60 -26.07
C ILE C 209 10.65 -2.30 -26.83
N GLU C 210 9.84 -1.34 -26.38
CA GLU C 210 9.80 -0.01 -26.99
C GLU C 210 10.54 0.99 -26.15
N ALA C 211 11.37 1.82 -26.80
CA ALA C 211 12.26 2.78 -26.14
C ALA C 211 12.98 3.54 -27.21
N GLU C 212 13.19 4.83 -26.99
CA GLU C 212 13.97 5.70 -27.87
C GLU C 212 13.47 5.76 -29.32
N GLY C 213 12.17 5.58 -29.53
CA GLY C 213 11.57 5.69 -30.83
C GLY C 213 11.65 4.41 -31.63
N GLN C 214 11.89 3.27 -30.97
CA GLN C 214 12.28 2.05 -31.67
C GLN C 214 11.84 0.87 -30.88
N THR C 215 11.74 -0.27 -31.56
CA THR C 215 11.42 -1.55 -30.95
C THR C 215 12.71 -2.32 -30.87
N TRP C 216 12.93 -3.00 -29.77
CA TRP C 216 14.21 -3.67 -29.54
C TRP C 216 14.01 -5.12 -29.26
N GLU C 217 15.01 -5.90 -29.67
CA GLU C 217 15.22 -7.22 -29.12
C GLU C 217 16.55 -7.21 -28.32
N ASN C 218 16.54 -7.90 -27.17
CA ASN C 218 17.69 -8.10 -26.33
C ASN C 218 17.96 -9.60 -26.18
N ASN C 219 19.25 -9.95 -26.11
CA ASN C 219 19.63 -11.27 -25.67
C ASN C 219 20.74 -11.08 -24.69
N THR C 220 20.66 -11.79 -23.57
CA THR C 220 21.70 -11.70 -22.56
C THR C 220 22.12 -13.09 -22.10
N TYR C 221 23.46 -13.28 -21.98
CA TYR C 221 24.05 -14.58 -21.66
C TYR C 221 25.03 -14.42 -20.49
N LEU C 222 25.10 -15.47 -19.67
CA LEU C 222 25.92 -15.43 -18.52
C LEU C 222 26.48 -16.77 -18.09
N VAL C 223 27.72 -16.75 -17.57
CA VAL C 223 28.37 -17.94 -17.01
C VAL C 223 29.02 -17.59 -15.71
N GLY C 224 29.02 -18.53 -14.77
CA GLY C 224 29.79 -18.31 -13.60
C GLY C 224 30.02 -19.50 -12.72
N VAL C 225 30.70 -19.26 -11.59
CA VAL C 225 31.15 -20.36 -10.77
C VAL C 225 31.08 -19.93 -9.35
N GLN C 226 31.02 -20.90 -8.44
CA GLN C 226 30.97 -20.60 -7.04
C GLN C 226 31.58 -21.72 -6.27
N GLY C 227 32.31 -21.41 -5.21
CA GLY C 227 32.90 -22.48 -4.42
C GLY C 227 32.97 -22.14 -2.97
N TRP C 228 32.96 -23.20 -2.16
CA TRP C 228 33.02 -23.16 -0.70
C TRP C 228 33.99 -24.25 -0.33
N PHE C 229 35.01 -23.92 0.48
CA PHE C 229 36.01 -24.88 0.93
C PHE C 229 36.03 -24.99 2.43
N GLU C 230 36.39 -26.16 2.91
CA GLU C 230 36.44 -26.47 4.34
C GLU C 230 37.36 -25.58 5.18
N ASN C 231 38.37 -24.98 4.57
CA ASN C 231 39.20 -24.00 5.26
C ASN C 231 38.49 -22.64 5.58
N GLY C 232 37.26 -22.40 5.09
CA GLY C 232 36.54 -21.15 5.33
C GLY C 232 36.59 -20.13 4.20
N ILE C 233 37.38 -20.38 3.17
CA ILE C 233 37.27 -19.59 1.93
C ILE C 233 36.07 -20.07 1.07
N SER C 234 35.43 -19.09 0.46
CA SER C 234 34.50 -19.33 -0.58
C SER C 234 34.61 -18.12 -1.53
N PHE C 235 34.02 -18.22 -2.72
CA PHE C 235 34.13 -17.14 -3.70
C PHE C 235 33.08 -17.29 -4.76
N PHE C 236 33.02 -16.33 -5.67
CA PHE C 236 32.23 -16.48 -6.88
C PHE C 236 32.81 -15.62 -7.97
N ALA C 237 32.50 -15.99 -9.22
CA ALA C 237 32.82 -15.12 -10.39
C ALA C 237 31.86 -15.41 -11.59
N GLN C 238 31.66 -14.37 -12.42
CA GLN C 238 30.77 -14.42 -13.50
C GLN C 238 31.16 -13.47 -14.58
N TYR C 239 30.72 -13.88 -15.78
CA TYR C 239 30.87 -13.12 -17.05
C TYR C 239 29.47 -13.01 -17.68
N LYS C 240 29.16 -11.83 -18.23
CA LYS C 240 27.84 -11.55 -18.66
C LYS C 240 27.91 -10.81 -19.97
N TYR C 241 27.20 -11.32 -20.97
CA TYR C 241 27.33 -10.76 -22.31
C TYR C 241 25.96 -10.27 -22.73
N MET C 242 25.89 -9.03 -23.20
CA MET C 242 24.63 -8.41 -23.55
C MET C 242 24.61 -7.83 -24.96
N GLU C 243 23.64 -8.30 -25.75
CA GLU C 243 23.41 -7.84 -27.12
C GLU C 243 22.01 -7.26 -27.29
N ALA C 244 21.89 -6.21 -28.10
CA ALA C 244 20.62 -5.66 -28.45
C ALA C 244 20.53 -5.28 -29.91
N ASP C 245 19.33 -5.36 -30.49
CA ASP C 245 19.06 -4.87 -31.84
C ASP C 245 17.80 -4.00 -31.91
N ALA C 246 17.87 -2.88 -32.60
CA ALA C 246 16.74 -2.00 -32.79
C ALA C 246 16.05 -2.20 -34.13
N SER C 247 14.78 -1.85 -34.22
CA SER C 247 14.04 -1.91 -35.48
C SER C 247 14.63 -1.07 -36.63
N ASN C 248 15.41 -0.04 -36.34
CA ASN C 248 16.11 0.71 -37.40
C ASN C 248 17.49 0.14 -37.83
N GLY C 249 17.89 -1.02 -37.31
CA GLY C 249 19.12 -1.70 -37.77
C GLY C 249 20.31 -1.56 -36.88
N VAL C 250 20.24 -0.67 -35.92
CA VAL C 250 21.34 -0.44 -34.98
C VAL C 250 21.56 -1.69 -34.09
N ASN C 251 22.84 -2.05 -33.91
CA ASN C 251 23.26 -3.18 -33.07
C ASN C 251 24.06 -2.61 -31.91
N GLU C 252 23.96 -3.26 -30.76
CA GLU C 252 24.70 -2.83 -29.61
C GLU C 252 25.14 -4.06 -28.85
N LYS C 253 26.33 -3.96 -28.25
CA LYS C 253 26.90 -5.01 -27.42
C LYS C 253 27.56 -4.35 -26.21
N GLN C 254 27.50 -5.03 -25.08
CA GLN C 254 28.28 -4.69 -23.97
C GLN C 254 28.43 -5.90 -23.07
N ASP C 255 29.59 -6.04 -22.42
CA ASP C 255 29.82 -7.15 -21.49
C ASP C 255 30.25 -6.64 -20.14
N ALA C 256 30.38 -7.57 -19.19
CA ALA C 256 30.56 -7.24 -17.82
C ALA C 256 31.02 -8.42 -17.01
N MET C 257 31.52 -8.15 -15.82
CA MET C 257 31.85 -9.23 -14.89
C MET C 257 31.62 -8.83 -13.47
N SER C 258 31.64 -9.82 -12.60
CA SER C 258 31.57 -9.55 -11.16
C SER C 258 32.21 -10.72 -10.45
N ALA C 259 32.98 -10.42 -9.40
CA ALA C 259 33.65 -11.47 -8.56
C ALA C 259 33.72 -11.08 -7.06
N GLY C 260 33.74 -12.12 -6.21
CA GLY C 260 33.80 -11.94 -4.78
C GLY C 260 34.66 -13.02 -4.14
N LEU C 261 35.32 -12.63 -3.06
CA LEU C 261 36.11 -13.52 -2.25
C LEU C 261 35.62 -13.36 -0.80
N MET C 262 35.55 -14.47 -0.07
CA MET C 262 35.07 -14.40 1.29
C MET C 262 35.78 -15.39 2.23
N TYR C 263 36.05 -14.94 3.45
CA TYR C 263 36.66 -15.81 4.43
C TYR C 263 35.76 -15.82 5.65
N THR C 264 35.32 -17.02 6.03
CA THR C 264 34.49 -17.24 7.18
C THR C 264 35.29 -17.96 8.23
N THR C 265 35.39 -17.34 9.41
CA THR C 265 36.04 -17.97 10.56
C THR C 265 35.27 -17.63 11.88
N GLY C 266 34.84 -18.67 12.60
CA GLY C 266 34.10 -18.51 13.86
C GLY C 266 32.84 -17.77 13.54
N ASP C 267 32.61 -16.65 14.22
CA ASP C 267 31.39 -15.85 14.02
C ASP C 267 31.56 -14.69 13.00
N TRP C 268 32.63 -14.70 12.19
CA TRP C 268 32.93 -13.58 11.30
C TRP C 268 32.97 -13.98 9.83
N GLN C 269 32.68 -13.04 8.95
CA GLN C 269 32.93 -13.22 7.54
C GLN C 269 33.41 -11.94 6.89
N TYR C 270 34.60 -12.00 6.24
CA TYR C 270 35.19 -10.85 5.53
C TYR C 270 34.87 -11.05 4.08
N LYS C 271 34.77 -9.98 3.31
CA LYS C 271 34.34 -10.08 1.94
C LYS C 271 34.80 -8.91 1.10
N LEU C 272 35.33 -9.23 -0.05
CA LEU C 272 35.73 -8.23 -1.03
C LEU C 272 34.95 -8.51 -2.29
N GLY C 273 34.50 -7.46 -2.98
CA GLY C 273 33.84 -7.61 -4.26
C GLY C 273 34.29 -6.61 -5.29
N TYR C 274 34.24 -7.03 -6.53
CA TYR C 274 34.58 -6.18 -7.68
C TYR C 274 33.57 -6.52 -8.83
N ALA C 275 33.09 -5.49 -9.53
CA ALA C 275 32.31 -5.70 -10.74
C ALA C 275 32.50 -4.52 -11.69
N ALA C 276 32.31 -4.81 -12.99
CA ALA C 276 32.68 -3.91 -14.08
C ALA C 276 31.76 -4.13 -15.27
N ASN C 277 31.40 -3.01 -15.91
CA ASN C 277 30.87 -3.01 -17.24
C ASN C 277 31.90 -2.40 -18.13
N PHE C 278 32.16 -3.07 -19.24
CA PHE C 278 33.17 -2.59 -20.17
C PHE C 278 32.54 -1.61 -21.12
N ASP C 279 33.39 -0.89 -21.88
CA ASP C 279 32.92 0.09 -22.87
C ASP C 279 31.88 -0.56 -23.81
N LEU C 280 30.88 0.22 -24.18
CA LEU C 280 29.79 -0.28 -24.99
C LEU C 280 30.22 -0.14 -26.43
N GLU C 281 29.71 -1.05 -27.27
CA GLU C 281 29.93 -1.02 -28.71
C GLU C 281 28.56 -0.85 -29.40
N ARG C 282 28.55 0.07 -30.36
CA ARG C 282 27.39 0.34 -31.18
C ARG C 282 27.75 0.32 -32.67
N ASP C 283 27.09 -0.57 -33.41
CA ASP C 283 27.31 -0.72 -34.84
C ASP C 283 28.78 -0.90 -35.11
N GLY C 284 29.40 -1.78 -34.32
CA GLY C 284 30.81 -2.10 -34.47
C GLY C 284 31.79 -1.15 -33.79
N LYS C 285 31.41 0.10 -33.51
CA LYS C 285 32.32 1.12 -32.93
C LYS C 285 32.20 1.20 -31.41
N THR C 286 33.33 1.25 -30.71
CA THR C 286 33.34 1.41 -29.26
C THR C 286 33.09 2.86 -28.90
N LEU C 287 32.27 3.08 -27.88
CA LEU C 287 32.03 4.41 -27.32
C LEU C 287 32.91 4.59 -26.08
N SER C 288 33.74 5.62 -26.09
CA SER C 288 34.74 5.72 -25.07
C SER C 288 34.04 6.16 -23.81
N ASN C 289 34.62 5.72 -22.70
CA ASN C 289 34.19 6.11 -21.37
C ASN C 289 32.74 5.80 -21.09
N THR C 290 32.29 4.68 -21.61
CA THR C 290 30.96 4.19 -21.28
C THR C 290 31.04 3.00 -20.36
N SER C 291 32.15 2.83 -19.62
CA SER C 291 32.33 1.70 -18.70
C SER C 291 32.07 2.14 -17.26
N ASP C 292 31.94 1.18 -16.35
CA ASP C 292 31.63 1.42 -14.94
C ASP C 292 32.41 0.43 -14.12
N ASP C 293 32.84 0.82 -12.92
CA ASP C 293 33.28 -0.23 -12.01
C ASP C 293 33.01 0.10 -10.57
N VAL C 294 33.15 -0.92 -9.72
CA VAL C 294 32.88 -0.79 -8.34
C VAL C 294 33.74 -1.75 -7.57
N VAL C 295 34.35 -1.23 -6.51
CA VAL C 295 35.01 -2.05 -5.51
C VAL C 295 34.36 -1.89 -4.09
N SER C 296 34.34 -2.97 -3.33
CA SER C 296 33.60 -3.02 -2.11
C SER C 296 34.23 -3.91 -1.10
N ALA C 297 34.07 -3.58 0.18
CA ALA C 297 34.64 -4.41 1.27
C ALA C 297 33.67 -4.56 2.44
N GLN C 298 33.69 -5.68 3.13
CA GLN C 298 32.68 -5.87 4.12
C GLN C 298 33.08 -6.79 5.20
N ILE C 299 32.64 -6.46 6.41
CA ILE C 299 32.74 -7.37 7.53
C ILE C 299 31.40 -7.60 8.21
N MET C 300 31.13 -8.86 8.52
CA MET C 300 29.85 -9.32 8.94
C MET C 300 30.01 -10.20 10.17
N TYR C 301 29.11 -10.05 11.15
CA TYR C 301 29.16 -10.77 12.42
C TYR C 301 27.87 -11.60 12.64
N PHE C 302 28.04 -12.91 12.84
CA PHE C 302 26.93 -13.82 13.03
C PHE C 302 26.42 -13.72 14.47
N VAL C 303 25.65 -12.65 14.68
CA VAL C 303 25.27 -12.23 16.00
C VAL C 303 24.25 -13.13 16.66
N ASP C 304 23.50 -13.88 15.88
CA ASP C 304 22.49 -14.85 16.39
C ASP C 304 22.27 -15.87 15.34
N PRO C 305 21.86 -17.09 15.70
CA PRO C 305 21.48 -17.98 14.57
C PRO C 305 20.49 -17.33 13.55
N SER C 306 19.68 -16.40 14.01
CA SER C 306 18.63 -15.72 13.20
C SER C 306 18.98 -14.32 12.67
N ALA C 307 20.24 -13.91 12.75
CA ALA C 307 20.59 -12.51 12.47
C ALA C 307 22.05 -12.27 12.26
N VAL C 308 22.35 -11.16 11.59
CA VAL C 308 23.71 -10.67 11.38
C VAL C 308 23.76 -9.14 11.52
N LEU C 309 24.94 -8.65 11.91
CA LEU C 309 25.37 -7.24 11.83
C LEU C 309 26.47 -7.12 10.77
N TYR C 310 26.62 -5.97 10.15
CA TYR C 310 27.62 -5.82 9.09
C TYR C 310 28.05 -4.38 8.92
N ALA C 311 29.24 -4.18 8.43
CA ALA C 311 29.73 -2.86 8.06
C ALA C 311 30.25 -2.97 6.67
N ARG C 312 30.14 -1.91 5.88
CA ARG C 312 30.55 -2.03 4.50
C ARG C 312 31.00 -0.72 3.87
N ALA C 313 32.00 -0.78 2.99
CA ALA C 313 32.54 0.41 2.31
C ALA C 313 32.61 0.10 0.84
N ARG C 314 32.26 1.06 -0.01
CA ARG C 314 32.38 0.84 -1.44
C ARG C 314 32.61 2.15 -2.22
N MET C 315 33.16 1.96 -3.43
CA MET C 315 33.54 3.04 -4.38
C MET C 315 33.00 2.72 -5.74
N ASN C 316 32.07 3.54 -6.23
CA ASN C 316 31.49 3.40 -7.55
C ASN C 316 32.09 4.43 -8.47
N ASP C 317 32.70 3.99 -9.56
CA ASP C 317 33.13 4.87 -10.63
C ASP C 317 32.39 4.55 -11.89
N PHE C 318 31.50 5.47 -12.24
CA PHE C 318 30.56 5.29 -13.33
C PHE C 318 31.05 6.08 -14.52
N ASN C 319 30.44 5.67 -15.62
CA ASN C 319 30.59 6.21 -16.93
C ASN C 319 30.24 7.68 -17.02
N GLU C 320 30.65 8.28 -18.12
CA GLU C 320 30.57 9.73 -18.30
C GLU C 320 29.45 10.16 -19.23
N GLY C 321 28.60 9.23 -19.68
CA GLY C 321 27.41 9.55 -20.48
C GLY C 321 27.35 9.07 -21.92
N LEU C 322 26.12 8.82 -22.38
CA LEU C 322 25.85 8.51 -23.76
C LEU C 322 24.45 8.94 -24.18
N ASP C 323 24.27 9.11 -25.49
CA ASP C 323 23.01 9.37 -26.10
C ASP C 323 22.44 8.05 -26.57
N GLY C 324 21.12 7.90 -26.39
CA GLY C 324 20.34 6.84 -27.04
C GLY C 324 20.00 7.20 -28.49
N LEU C 325 19.18 6.38 -29.15
CA LEU C 325 18.98 6.51 -30.60
C LEU C 325 17.98 7.59 -30.97
N ASP C 326 17.63 8.49 -30.05
CA ASP C 326 16.73 9.60 -30.33
C ASP C 326 17.42 10.95 -30.07
N ASP C 327 18.77 10.93 -30.00
CA ASP C 327 19.58 12.09 -29.62
C ASP C 327 19.38 12.64 -28.20
N ALA C 328 18.80 11.85 -27.30
CA ALA C 328 18.67 12.25 -25.91
C ALA C 328 19.62 11.42 -25.02
N ALA C 329 20.17 12.02 -23.98
CA ALA C 329 20.92 11.24 -23.00
C ALA C 329 20.15 9.97 -22.63
N ARG C 330 20.81 8.85 -22.55
CA ARG C 330 20.21 7.60 -22.13
C ARG C 330 20.47 7.47 -20.64
N TRP C 331 19.43 7.22 -19.86
CA TRP C 331 19.59 7.07 -18.43
C TRP C 331 20.45 5.84 -18.15
N THR C 332 21.50 5.99 -17.32
CA THR C 332 22.23 4.86 -16.75
C THR C 332 22.32 5.09 -15.24
N SER C 333 22.79 4.07 -14.50
CA SER C 333 23.11 4.18 -13.08
C SER C 333 24.18 5.19 -12.81
N GLY C 334 24.81 5.71 -13.85
CA GLY C 334 25.86 6.69 -13.65
C GLY C 334 25.36 8.07 -13.82
N THR C 335 24.13 8.24 -14.30
CA THR C 335 23.54 9.57 -14.56
C THR C 335 23.60 10.49 -13.35
N ASN C 336 23.28 9.98 -12.15
CA ASN C 336 23.43 10.76 -10.86
C ASN C 336 24.87 11.02 -10.39
N GLY C 337 25.82 10.21 -10.82
CA GLY C 337 27.24 10.52 -10.63
C GLY C 337 28.04 9.56 -9.78
N ASP C 338 29.37 9.70 -9.82
CA ASP C 338 30.29 8.87 -9.05
C ASP C 338 29.95 9.09 -7.56
N TYR C 339 29.99 8.04 -6.75
CA TYR C 339 29.81 8.21 -5.32
C TYR C 339 30.44 7.11 -4.53
N ASN C 340 30.88 7.43 -3.32
CA ASN C 340 31.30 6.40 -2.33
C ASN C 340 30.27 6.25 -1.16
N GLU C 341 30.33 5.11 -0.47
CA GLU C 341 29.38 4.82 0.57
C GLU C 341 29.91 3.95 1.67
N TYR C 342 29.64 4.40 2.89
CA TYR C 342 29.93 3.69 4.15
C TYR C 342 28.58 3.39 4.79
N SER C 343 28.43 2.18 5.31
CA SER C 343 27.19 1.72 5.87
C SER C 343 27.42 0.69 6.92
N VAL C 344 26.48 0.57 7.85
CA VAL C 344 26.37 -0.53 8.82
C VAL C 344 24.92 -0.96 8.81
N GLY C 345 24.67 -2.21 9.19
CA GLY C 345 23.38 -2.79 9.00
C GLY C 345 23.07 -4.00 9.86
N VAL C 346 21.78 -4.37 9.90
CA VAL C 346 21.33 -5.57 10.62
C VAL C 346 20.24 -6.23 9.82
N GLU C 347 20.22 -7.57 9.84
CA GLU C 347 19.19 -8.38 9.18
C GLU C 347 18.81 -9.52 10.10
N TYR C 348 17.50 -9.74 10.25
CA TYR C 348 16.89 -10.71 11.16
C TYR C 348 15.69 -11.39 10.43
N TYR C 349 15.58 -12.72 10.55
CA TYR C 349 14.53 -13.45 9.92
C TYR C 349 13.68 -14.12 10.99
N PHE C 350 12.37 -13.86 10.96
CA PHE C 350 11.42 -14.64 11.75
C PHE C 350 10.37 -15.28 10.88
NA NA D . -17.61 4.60 -6.16
NA NA E . 7.97 15.72 7.80
NA NA F . 10.60 -5.49 -14.90
#